data_2FHJ
#
_entry.id   2FHJ
#
_cell.length_a   85.000
_cell.length_b   74.150
_cell.length_c   103.870
_cell.angle_alpha   90.00
_cell.angle_beta   113.54
_cell.angle_gamma   90.00
#
_symmetry.space_group_name_H-M   'P 1 21 1'
#
loop_
_entity.id
_entity.type
_entity.pdbx_description
1 polymer 'Formylmethanofuran--tetrahydromethanopterin formyltransferase'
2 polymer 'Formylmethanofuran--tetrahydromethanopterin formyltransferase'
3 non-polymer 'POTASSIUM ION'
4 non-polymer N-[4,5,7-TRICARBOXYHEPTANOYL]-L-GAMMA-GLUTAMYL-N-{2-[4-({5-[(FORMYLAMINO)METHYL]-3-FURYL}METHOXY)PHENYL]ETHYL}-D-GLUTAMINE
5 non-polymer 5-(4-{[1-(2-AMINO-5-FORMYL-7-METHYL-4-OXO-3,4,5,6,7,8-HEXAHYDROPTERIDIN-6-YL)ETHYL]AMINO}PHENYL)-5-DEOXY-1-O-{5-O-[(1,3-DICARBOXYPROPOXY)(HYDROXY)PHOSPHORYL]PENTOFURANOSYL}PENTITOL
6 non-polymer 2-{2-[2-(2-{2-[2-(2-ETHOXY-ETHOXY)-ETHOXY]-ETHOXY}-ETHOXY)-ETHOXY]-ETHOXY}-ETHANOL
7 non-polymer 3,6,9,12,15,18,21,24,27,30,33,36,39-TRIDECAOXAHENTETRACONTANE-1,41-DIOL
8 water water
#
loop_
_entity_poly.entity_id
_entity_poly.type
_entity_poly.pdbx_seq_one_letter_code
_entity_poly.pdbx_strand_id
1 'polypeptide(L)'
;MEINGVEIEDTFAEAFEAKMARVLITAASHKWAMIAVKEATGFGTSVIMCPAEAGIDCGYVPPEETPDGRPGVTIMIGHN
DEDELKEQLLDRIGQCVMTAPTASAFDAMPEAEKEDEDRVGYKLSFFGDGYQEEDELDGRKVWKIPVVEGEFIVEDSFGI
TTGVAGGNFYIMAESQPAGLQAAEAAVDAIKGVEGAYAPFPGGIVASASKVGSKQYDFLPASTNDAYCPTVEDNELPEGV
KCVYEIVINGLNEEAVKEAMRVGIEAACQQPGVVKISAGNFGGKLGQYEIHLHDLF
;
A,B,C
2 'polypeptide(L)'
;MEINGVEIEDTFAEAFEAKMARVLITAASHKWAMIAVKEATGFGTSVIMCPAEAGID(CSO)GYVPPEETPDGRPGVTIM
IGHNDEDELKEQLLDRIGQCVMTAPTASAFDAMPEAEKEDEDRVGYKLSFFGDGYQEEDELDGRKVWKIPVVEGEFIVED
SFGITTGVAGGNFYIMAESQPAGLQAAEAAVDAIKGVEGAYAPFPGGIVASASKVGSKQYDFLPASTNDAYCPTVEDNEL
PEGVKCVYEIVINGLNEEAVKEAMRVGIEAACQQPGVVKISAGNFGGKLGQYEIHLHDLF
;
D
#
# COMPACT_ATOMS: atom_id res chain seq x y z
N MET A 1 -23.82 -30.25 5.44
N MET A 1 -24.37 -30.14 3.20
CA MET A 1 -23.49 -29.55 4.16
CA MET A 1 -23.46 -29.59 4.24
C MET A 1 -23.55 -28.02 4.27
C MET A 1 -23.56 -28.06 4.28
N GLU A 2 -23.43 -27.48 5.48
CA GLU A 2 -23.42 -26.01 5.67
C GLU A 2 -22.24 -25.56 6.53
N ILE A 3 -21.64 -24.44 6.16
CA ILE A 3 -20.65 -23.75 6.97
C ILE A 3 -21.17 -22.35 7.22
N ASN A 4 -21.47 -22.03 8.48
CA ASN A 4 -22.12 -20.78 8.85
C ASN A 4 -23.38 -20.47 8.03
N GLY A 5 -24.19 -21.49 7.80
CA GLY A 5 -25.43 -21.35 7.06
C GLY A 5 -25.25 -21.24 5.56
N VAL A 6 -24.05 -21.52 5.06
CA VAL A 6 -23.76 -21.46 3.63
C VAL A 6 -23.71 -22.88 3.10
N GLU A 7 -24.51 -23.18 2.07
CA GLU A 7 -24.48 -24.51 1.48
C GLU A 7 -23.11 -24.78 0.86
N ILE A 8 -22.54 -25.93 1.20
CA ILE A 8 -21.34 -26.42 0.56
C ILE A 8 -21.74 -27.49 -0.44
N GLU A 9 -21.67 -27.20 -1.73
CA GLU A 9 -22.06 -28.17 -2.75
C GLU A 9 -21.20 -29.43 -2.64
N ASP A 10 -21.85 -30.59 -2.76
CA ASP A 10 -21.15 -31.86 -2.77
C ASP A 10 -20.55 -32.10 -4.15
N THR A 11 -19.46 -31.39 -4.45
CA THR A 11 -18.75 -31.56 -5.71
C THR A 11 -17.25 -31.50 -5.46
N PHE A 12 -16.47 -31.40 -6.52
CA PHE A 12 -15.03 -31.39 -6.37
C PHE A 12 -14.36 -30.39 -7.29
N ALA A 13 -13.17 -29.96 -6.88
CA ALA A 13 -12.26 -29.20 -7.74
C ALA A 13 -11.39 -30.21 -8.48
N GLU A 14 -11.23 -30.01 -9.78
CA GLU A 14 -10.39 -30.88 -10.56
C GLU A 14 -9.11 -30.14 -10.94
N ALA A 15 -8.02 -30.54 -10.30
CA ALA A 15 -6.73 -29.91 -10.46
C ALA A 15 -5.76 -30.82 -11.24
N PHE A 16 -4.65 -30.24 -11.65
CA PHE A 16 -3.72 -30.86 -12.59
C PHE A 16 -2.29 -30.85 -12.08
N GLU A 17 -1.51 -31.81 -12.53
CA GLU A 17 -0.06 -31.76 -12.39
C GLU A 17 0.46 -30.55 -13.15
N ALA A 18 1.43 -29.85 -12.57
CA ALA A 18 2.02 -28.69 -13.21
C ALA A 18 3.43 -28.48 -12.71
N LYS A 19 4.30 -27.89 -13.53
CA LYS A 19 5.66 -27.63 -13.13
C LYS A 19 5.70 -26.29 -12.42
N MET A 20 6.38 -26.26 -11.28
CA MET A 20 6.46 -25.05 -10.48
C MET A 20 7.85 -24.80 -9.94
N ALA A 21 8.22 -23.54 -9.92
CA ALA A 21 9.40 -23.08 -9.23
C ALA A 21 8.91 -22.23 -8.05
N ARG A 22 9.80 -22.03 -7.10
CA ARG A 22 9.53 -21.22 -5.94
C ARG A 22 10.82 -20.46 -5.66
N VAL A 23 10.71 -19.14 -5.59
CA VAL A 23 11.84 -18.23 -5.63
C VAL A 23 11.73 -17.30 -4.44
N LEU A 24 12.81 -17.14 -3.69
CA LEU A 24 12.89 -16.11 -2.62
C LEU A 24 13.53 -14.82 -3.16
N ILE A 25 12.79 -13.72 -3.14
CA ILE A 25 13.35 -12.43 -3.47
C ILE A 25 13.63 -11.66 -2.20
N THR A 26 14.86 -11.24 -2.00
CA THR A 26 15.20 -10.33 -0.92
C THR A 26 15.47 -8.97 -1.55
N ALA A 27 15.40 -7.93 -0.74
CA ALA A 27 15.71 -6.58 -1.17
C ALA A 27 16.08 -5.79 0.06
N ALA A 28 16.37 -4.50 -0.10
CA ALA A 28 16.74 -3.63 1.03
C ALA A 28 15.62 -3.43 2.02
N SER A 29 14.39 -3.57 1.56
CA SER A 29 13.21 -3.47 2.41
C SER A 29 12.13 -4.38 1.89
N HIS A 30 11.09 -4.59 2.70
CA HIS A 30 9.90 -5.28 2.24
C HIS A 30 9.29 -4.56 1.02
N LYS A 31 9.28 -3.22 1.07
CA LYS A 31 8.80 -2.37 -0.01
C LYS A 31 9.47 -2.72 -1.33
N TRP A 32 10.81 -2.72 -1.38
CA TRP A 32 11.51 -2.99 -2.65
C TRP A 32 11.42 -4.43 -3.07
N ALA A 33 11.32 -5.32 -2.09
CA ALA A 33 11.06 -6.75 -2.36
C ALA A 33 9.73 -6.92 -3.10
N MET A 34 8.69 -6.23 -2.62
CA MET A 34 7.37 -6.24 -3.26
C MET A 34 7.32 -5.55 -4.64
N ILE A 35 8.10 -4.50 -4.83
CA ILE A 35 8.27 -3.89 -6.16
C ILE A 35 8.72 -4.92 -7.18
N ALA A 36 9.72 -5.72 -6.82
CA ALA A 36 10.27 -6.74 -7.72
C ALA A 36 9.29 -7.91 -7.91
N VAL A 37 8.64 -8.29 -6.82
CA VAL A 37 7.69 -9.39 -6.82
C VAL A 37 6.51 -9.16 -7.74
N LYS A 38 5.85 -8.03 -7.55
CA LYS A 38 4.74 -7.63 -8.39
C LYS A 38 5.07 -7.59 -9.87
N GLU A 39 6.20 -7.02 -10.20
CA GLU A 39 6.60 -6.95 -11.59
C GLU A 39 6.84 -8.36 -12.11
N ALA A 40 7.47 -9.18 -11.27
CA ALA A 40 7.90 -10.51 -11.68
C ALA A 40 6.76 -11.49 -11.78
N THR A 41 5.74 -11.33 -10.92
CA THR A 41 4.60 -12.23 -10.91
C THR A 41 3.44 -11.69 -11.72
N GLY A 42 3.56 -10.48 -12.27
CA GLY A 42 2.48 -9.87 -13.04
C GLY A 42 2.34 -10.51 -14.41
N PHE A 43 1.30 -10.13 -15.16
CA PHE A 43 0.95 -10.79 -16.44
C PHE A 43 1.07 -12.32 -16.37
N GLY A 44 0.48 -12.91 -15.33
CA GLY A 44 0.70 -14.31 -15.01
C GLY A 44 -0.46 -14.89 -14.22
N THR A 45 -1.65 -14.80 -14.79
CA THR A 45 -2.87 -15.28 -14.12
C THR A 45 -3.23 -16.69 -14.57
N SER A 46 -2.97 -16.95 -15.84
CA SER A 46 -3.43 -18.18 -16.48
C SER A 46 -2.68 -18.43 -17.76
N VAL A 47 -2.27 -19.67 -17.98
CA VAL A 47 -1.60 -20.07 -19.22
C VAL A 47 -2.51 -20.17 -20.46
N ILE A 48 -3.78 -19.78 -20.34
CA ILE A 48 -4.66 -19.68 -21.51
C ILE A 48 -4.09 -18.64 -22.47
N MET A 49 -3.70 -17.49 -21.94
CA MET A 49 -3.05 -16.47 -22.75
C MET A 49 -2.01 -15.61 -21.99
N CYS A 50 -1.56 -16.07 -20.83
CA CYS A 50 -0.37 -15.51 -20.20
C CYS A 50 0.76 -16.47 -20.37
N PRO A 51 2.01 -15.96 -20.31
CA PRO A 51 3.18 -16.82 -20.43
C PRO A 51 3.41 -17.72 -19.21
N ALA A 52 2.81 -17.39 -18.06
CA ALA A 52 2.89 -18.27 -16.89
C ALA A 52 1.76 -18.05 -15.90
N GLU A 53 1.78 -18.84 -14.84
CA GLU A 53 0.92 -18.63 -13.69
C GLU A 53 1.81 -18.33 -12.49
N ALA A 54 1.75 -17.11 -11.98
CA ALA A 54 2.69 -16.68 -10.97
C ALA A 54 1.98 -15.92 -9.87
N GLY A 55 2.59 -15.89 -8.70
CA GLY A 55 2.00 -15.16 -7.59
C GLY A 55 2.80 -15.28 -6.33
N ILE A 56 2.40 -14.51 -5.34
CA ILE A 56 3.11 -14.48 -4.09
C ILE A 56 2.73 -15.67 -3.23
N ASP A 57 3.73 -16.31 -2.64
CA ASP A 57 3.51 -17.37 -1.68
C ASP A 57 3.51 -16.80 -0.24
N CYS A 58 4.69 -16.43 0.27
N CYS A 58 4.70 -16.44 0.27
CA CYS A 58 4.82 -15.78 1.59
CA CYS A 58 4.81 -15.79 1.58
C CYS A 58 5.27 -14.35 1.40
C CYS A 58 5.26 -14.35 1.37
N GLY A 59 4.41 -13.41 1.81
CA GLY A 59 4.67 -12.00 1.60
C GLY A 59 5.71 -11.42 2.52
N TYR A 60 6.00 -12.07 3.63
CA TYR A 60 6.97 -11.58 4.61
C TYR A 60 7.84 -12.73 5.07
N VAL A 61 9.09 -12.75 4.59
CA VAL A 61 10.11 -13.65 5.10
C VAL A 61 11.04 -12.82 5.99
N PRO A 62 11.15 -13.21 7.28
CA PRO A 62 11.96 -12.39 8.16
C PRO A 62 13.43 -12.28 7.72
N PRO A 63 14.03 -11.09 7.84
CA PRO A 63 15.44 -10.86 7.53
C PRO A 63 16.36 -11.94 8.13
N GLU A 64 16.13 -12.29 9.39
CA GLU A 64 16.90 -13.36 10.05
C GLU A 64 16.71 -14.75 9.45
N GLU A 65 15.76 -14.96 8.57
CA GLU A 65 15.63 -16.27 7.94
C GLU A 65 15.99 -16.28 6.44
N THR A 66 16.58 -15.20 5.95
CA THR A 66 17.06 -15.16 4.56
C THR A 66 18.58 -15.35 4.51
N PRO A 67 19.11 -15.84 3.38
CA PRO A 67 20.54 -16.03 3.21
C PRO A 67 21.41 -14.77 3.44
N ASP A 68 20.89 -13.61 3.07
CA ASP A 68 21.64 -12.37 3.15
C ASP A 68 21.24 -11.50 4.34
N GLY A 69 20.26 -11.94 5.12
CA GLY A 69 19.86 -11.21 6.32
C GLY A 69 19.00 -10.01 6.03
N ARG A 70 18.39 -9.99 4.84
CA ARG A 70 17.54 -8.91 4.38
C ARG A 70 16.08 -9.36 4.24
N PRO A 71 15.13 -8.41 4.32
CA PRO A 71 13.71 -8.67 4.05
C PRO A 71 13.46 -9.44 2.75
N GLY A 72 12.56 -10.41 2.80
CA GLY A 72 12.28 -11.28 1.66
C GLY A 72 10.82 -11.58 1.44
N VAL A 73 10.53 -12.22 0.32
CA VAL A 73 9.17 -12.46 -0.09
C VAL A 73 9.32 -13.66 -1.00
N THR A 74 8.54 -14.73 -0.79
CA THR A 74 8.60 -15.88 -1.69
C THR A 74 7.48 -15.77 -2.71
N ILE A 75 7.81 -16.17 -3.93
CA ILE A 75 6.85 -16.21 -4.99
C ILE A 75 6.92 -17.60 -5.62
N MET A 76 5.91 -17.94 -6.40
CA MET A 76 5.94 -19.17 -7.18
C MET A 76 5.59 -18.86 -8.62
N ILE A 77 6.21 -19.59 -9.53
CA ILE A 77 5.92 -19.47 -10.95
C ILE A 77 5.72 -20.90 -11.48
N GLY A 78 4.64 -21.07 -12.25
CA GLY A 78 4.28 -22.38 -12.77
C GLY A 78 3.89 -22.41 -14.24
N HIS A 79 3.97 -23.60 -14.81
CA HIS A 79 3.56 -23.84 -16.18
C HIS A 79 3.37 -25.35 -16.33
N ASN A 80 2.51 -25.72 -17.28
CA ASN A 80 2.25 -27.12 -17.58
C ASN A 80 3.47 -27.76 -18.25
N ASP A 81 4.16 -26.97 -19.08
CA ASP A 81 5.38 -27.35 -19.77
C ASP A 81 6.62 -26.87 -19.00
N GLU A 82 7.59 -27.77 -18.81
CA GLU A 82 8.76 -27.51 -17.97
C GLU A 82 9.75 -26.52 -18.62
N ASP A 83 9.79 -26.49 -19.92
CA ASP A 83 10.72 -25.64 -20.65
C ASP A 83 10.24 -24.23 -20.76
N GLU A 84 8.93 -24.09 -20.94
CA GLU A 84 8.34 -22.77 -20.88
C GLU A 84 8.52 -22.20 -19.48
N LEU A 85 8.43 -23.04 -18.46
CA LEU A 85 8.73 -22.63 -17.08
C LEU A 85 10.18 -22.17 -16.91
N LYS A 86 11.11 -22.92 -17.48
CA LYS A 86 12.52 -22.55 -17.46
C LYS A 86 12.75 -21.23 -18.22
N GLU A 87 12.11 -21.08 -19.38
CA GLU A 87 12.18 -19.81 -20.09
C GLU A 87 11.59 -18.68 -19.26
N GLN A 88 10.54 -18.98 -18.52
CA GLN A 88 9.84 -17.96 -17.72
C GLN A 88 10.59 -17.57 -16.44
N LEU A 89 11.37 -18.50 -15.89
CA LEU A 89 12.24 -18.18 -14.76
C LEU A 89 13.30 -17.21 -15.21
N LEU A 90 13.90 -17.50 -16.36
CA LEU A 90 14.92 -16.64 -16.94
C LEU A 90 14.36 -15.25 -17.21
N ASP A 91 13.23 -15.19 -17.92
CA ASP A 91 12.67 -13.93 -18.36
C ASP A 91 12.27 -13.03 -17.18
N ARG A 92 11.56 -13.58 -16.21
CA ARG A 92 11.02 -12.77 -15.12
C ARG A 92 12.07 -12.39 -14.09
N ILE A 93 12.98 -13.31 -13.77
CA ILE A 93 14.10 -12.98 -12.88
C ILE A 93 15.05 -12.02 -13.60
N GLY A 94 15.40 -12.37 -14.85
CA GLY A 94 16.29 -11.57 -15.67
C GLY A 94 15.79 -10.17 -15.95
N GLN A 95 14.50 -10.02 -16.26
CA GLN A 95 13.94 -8.72 -16.64
C GLN A 95 13.32 -7.93 -15.49
N CYS A 96 12.84 -8.61 -14.46
CA CYS A 96 12.03 -7.96 -13.43
C CYS A 96 12.64 -7.96 -12.03
N VAL A 97 13.55 -8.90 -11.76
CA VAL A 97 14.19 -8.97 -10.46
C VAL A 97 15.61 -8.45 -10.58
N MET A 98 16.28 -8.79 -11.67
CA MET A 98 17.62 -8.28 -11.88
C MET A 98 17.62 -6.75 -11.97
N THR A 99 16.58 -6.20 -12.60
CA THR A 99 16.49 -4.77 -12.86
C THR A 99 15.87 -4.00 -11.71
N ALA A 100 15.35 -4.71 -10.70
CA ALA A 100 14.65 -4.05 -9.60
C ALA A 100 15.62 -3.57 -8.56
N PRO A 101 15.47 -2.33 -8.12
CA PRO A 101 16.38 -1.85 -7.08
C PRO A 101 16.61 -2.85 -5.94
N THR A 102 17.89 -3.12 -5.70
CA THR A 102 18.42 -3.82 -4.56
C THR A 102 18.06 -5.29 -4.44
N ALA A 103 17.26 -5.83 -5.35
CA ALA A 103 16.72 -7.18 -5.14
C ALA A 103 17.65 -8.32 -5.57
N SER A 104 17.64 -9.40 -4.79
CA SER A 104 18.43 -10.60 -5.06
C SER A 104 17.45 -11.77 -5.17
N ALA A 105 17.86 -12.85 -5.81
CA ALA A 105 16.96 -13.99 -6.06
C ALA A 105 17.61 -15.29 -5.63
N PHE A 106 16.92 -16.00 -4.72
CA PHE A 106 17.40 -17.25 -4.16
C PHE A 106 16.37 -18.35 -4.37
N ASP A 107 16.83 -19.59 -4.40
CA ASP A 107 15.93 -20.73 -4.51
C ASP A 107 15.14 -20.87 -3.21
N ALA A 108 13.88 -21.29 -3.33
CA ALA A 108 13.06 -21.53 -2.17
C ALA A 108 12.18 -22.75 -2.40
N MET A 109 12.61 -23.68 -3.26
CA MET A 109 11.98 -24.99 -3.33
C MET A 109 12.42 -25.81 -2.11
N PRO A 110 11.45 -26.28 -1.29
CA PRO A 110 11.84 -27.21 -0.24
C PRO A 110 12.55 -28.45 -0.82
N GLU A 111 13.50 -29.03 -0.09
CA GLU A 111 14.27 -30.18 -0.59
C GLU A 111 13.37 -31.39 -0.91
N ALA A 112 12.33 -31.55 -0.09
CA ALA A 112 11.35 -32.62 -0.24
C ALA A 112 10.62 -32.56 -1.56
N GLU A 113 10.36 -31.35 -2.05
CA GLU A 113 9.64 -31.14 -3.32
C GLU A 113 10.53 -31.14 -4.56
N LYS A 114 11.83 -30.92 -4.37
CA LYS A 114 12.79 -30.81 -5.49
C LYS A 114 12.80 -32.06 -6.36
N GLU A 115 12.57 -31.88 -7.65
CA GLU A 115 12.55 -32.97 -8.60
C GLU A 115 13.58 -32.72 -9.70
N ASP A 116 13.53 -31.55 -10.29
CA ASP A 116 14.51 -31.13 -11.30
C ASP A 116 15.30 -29.92 -10.81
N GLU A 117 16.29 -29.51 -11.60
N GLU A 117 16.31 -29.54 -11.59
CA GLU A 117 17.11 -28.35 -11.29
CA GLU A 117 17.16 -28.38 -11.33
C GLU A 117 17.26 -27.51 -12.56
C GLU A 117 17.18 -27.52 -12.60
N ASP A 118 17.14 -26.19 -12.43
CA ASP A 118 17.41 -25.27 -13.54
C ASP A 118 18.43 -24.26 -13.06
N ARG A 119 19.53 -24.13 -13.81
CA ARG A 119 20.61 -23.19 -13.46
C ARG A 119 20.32 -21.81 -14.03
N VAL A 120 19.39 -21.11 -13.38
CA VAL A 120 18.93 -19.82 -13.85
C VAL A 120 20.00 -18.76 -13.58
N GLY A 121 20.54 -18.77 -12.36
CA GLY A 121 21.63 -17.87 -12.01
C GLY A 121 22.77 -17.93 -13.02
N TYR A 122 23.26 -19.14 -13.26
CA TYR A 122 24.32 -19.37 -14.23
C TYR A 122 23.96 -18.80 -15.61
N LYS A 123 22.78 -19.13 -16.11
CA LYS A 123 22.36 -18.62 -17.41
C LYS A 123 22.28 -17.09 -17.38
N LEU A 124 21.84 -16.53 -16.25
CA LEU A 124 21.74 -15.09 -16.09
C LEU A 124 23.10 -14.44 -15.93
N SER A 125 24.06 -15.22 -15.43
CA SER A 125 25.40 -14.70 -15.10
C SER A 125 26.15 -14.13 -16.31
N PHE A 126 25.84 -14.61 -17.50
CA PHE A 126 26.50 -14.16 -18.74
C PHE A 126 26.23 -12.71 -19.09
N PHE A 127 25.18 -12.14 -18.51
CA PHE A 127 24.88 -10.71 -18.57
C PHE A 127 26.08 -9.87 -18.08
N GLY A 128 26.85 -10.41 -17.12
CA GLY A 128 28.03 -9.74 -16.58
C GLY A 128 29.22 -9.63 -17.53
N ASP A 129 29.06 -10.20 -18.73
CA ASP A 129 30.01 -10.06 -19.83
C ASP A 129 31.48 -10.29 -19.46
N GLY A 130 31.74 -11.46 -18.89
CA GLY A 130 33.07 -11.84 -18.45
C GLY A 130 33.41 -11.40 -17.04
N TYR A 131 32.70 -10.40 -16.53
CA TYR A 131 32.96 -9.83 -15.19
C TYR A 131 32.19 -10.48 -14.03
N GLN A 132 31.33 -11.45 -14.34
CA GLN A 132 30.54 -12.16 -13.33
C GLN A 132 31.40 -13.07 -12.49
N GLU A 133 31.07 -13.16 -11.21
CA GLU A 133 31.82 -14.02 -10.29
C GLU A 133 30.87 -14.94 -9.53
N GLU A 134 31.26 -16.19 -9.35
CA GLU A 134 30.59 -17.12 -8.45
C GLU A 134 31.08 -16.89 -7.03
N ASP A 135 30.26 -17.25 -6.08
CA ASP A 135 30.63 -17.12 -4.68
C ASP A 135 29.73 -18.03 -3.85
N GLU A 136 29.95 -18.05 -2.54
CA GLU A 136 29.11 -18.80 -1.62
C GLU A 136 28.54 -17.80 -0.63
N LEU A 137 27.21 -17.76 -0.50
CA LEU A 137 26.54 -16.91 0.50
C LEU A 137 25.63 -17.75 1.37
N ASP A 138 25.95 -17.85 2.66
CA ASP A 138 25.15 -18.63 3.62
C ASP A 138 24.97 -20.11 3.18
N GLY A 139 25.99 -20.66 2.53
CA GLY A 139 25.95 -22.05 2.09
C GLY A 139 25.33 -22.24 0.71
N ARG A 140 24.99 -21.14 0.05
CA ARG A 140 24.44 -21.19 -1.30
C ARG A 140 25.49 -20.82 -2.34
N LYS A 141 25.45 -21.50 -3.48
CA LYS A 141 26.25 -21.15 -4.64
C LYS A 141 25.53 -20.08 -5.43
N VAL A 142 26.12 -18.88 -5.45
CA VAL A 142 25.50 -17.72 -6.08
C VAL A 142 26.41 -17.12 -7.14
N TRP A 143 25.83 -16.31 -8.00
CA TRP A 143 26.57 -15.51 -8.95
C TRP A 143 26.40 -14.05 -8.58
N LYS A 144 27.53 -13.37 -8.42
CA LYS A 144 27.57 -11.93 -8.29
C LYS A 144 27.79 -11.38 -9.68
N ILE A 145 26.75 -10.76 -10.23
CA ILE A 145 26.75 -10.21 -11.59
C ILE A 145 26.89 -8.70 -11.47
N PRO A 146 27.91 -8.11 -12.12
CA PRO A 146 28.08 -6.66 -12.03
C PRO A 146 26.98 -5.88 -12.74
N VAL A 147 26.38 -4.94 -12.03
CA VAL A 147 25.37 -4.06 -12.59
C VAL A 147 25.61 -2.63 -12.13
N VAL A 148 24.95 -1.68 -12.78
CA VAL A 148 25.22 -0.28 -12.52
C VAL A 148 24.93 0.11 -11.08
N GLU A 149 23.99 -0.60 -10.44
CA GLU A 149 23.69 -0.38 -9.03
C GLU A 149 24.83 -0.87 -8.16
N GLY A 150 25.54 -1.88 -8.63
CA GLY A 150 26.56 -2.55 -7.84
C GLY A 150 26.69 -4.02 -8.26
N GLU A 151 25.88 -4.88 -7.64
CA GLU A 151 25.84 -6.32 -7.97
C GLU A 151 24.44 -6.92 -7.86
N PHE A 152 24.13 -7.83 -8.79
CA PHE A 152 22.95 -8.66 -8.69
C PHE A 152 23.36 -10.04 -8.21
N ILE A 153 22.81 -10.45 -7.06
CA ILE A 153 23.07 -11.77 -6.52
C ILE A 153 21.93 -12.69 -6.92
N VAL A 154 22.26 -13.79 -7.56
CA VAL A 154 21.26 -14.80 -7.91
C VAL A 154 21.83 -16.21 -7.69
N GLU A 155 21.04 -17.07 -7.04
CA GLU A 155 21.46 -18.45 -6.77
C GLU A 155 21.74 -19.18 -8.08
N ASP A 156 22.70 -20.12 -8.04
CA ASP A 156 23.10 -20.81 -9.26
C ASP A 156 21.92 -21.55 -9.86
N SER A 157 21.34 -22.48 -9.09
CA SER A 157 20.20 -23.25 -9.60
C SER A 157 18.96 -23.13 -8.76
N PHE A 158 17.82 -23.37 -9.41
CA PHE A 158 16.50 -23.33 -8.81
C PHE A 158 15.80 -24.69 -8.90
N GLY A 159 15.22 -25.13 -7.79
CA GLY A 159 14.53 -26.40 -7.72
C GLY A 159 13.22 -26.32 -8.47
N ILE A 160 12.97 -27.31 -9.33
CA ILE A 160 11.68 -27.44 -10.00
C ILE A 160 10.94 -28.66 -9.46
N THR A 161 9.64 -28.53 -9.26
CA THR A 161 8.79 -29.61 -8.77
C THR A 161 7.60 -29.84 -9.71
N THR A 162 6.92 -30.95 -9.52
CA THR A 162 5.61 -31.16 -10.09
C THR A 162 4.61 -30.82 -9.00
N GLY A 163 3.87 -29.73 -9.19
CA GLY A 163 2.92 -29.24 -8.22
C GLY A 163 1.50 -29.57 -8.66
N VAL A 164 0.55 -28.96 -7.96
CA VAL A 164 -0.86 -29.12 -8.25
C VAL A 164 -1.41 -27.78 -8.70
N ALA A 165 -1.88 -27.70 -9.94
CA ALA A 165 -2.42 -26.45 -10.45
C ALA A 165 -3.92 -26.54 -10.68
N GLY A 166 -4.64 -25.47 -10.34
CA GLY A 166 -6.04 -25.37 -10.67
C GLY A 166 -6.99 -25.81 -9.59
N GLY A 167 -6.51 -26.02 -8.36
CA GLY A 167 -7.41 -26.15 -7.21
C GLY A 167 -8.31 -24.93 -7.24
N ASN A 168 -9.54 -25.06 -6.77
CA ASN A 168 -10.49 -23.95 -6.85
C ASN A 168 -11.75 -24.11 -6.04
N PHE A 169 -12.46 -23.01 -5.91
CA PHE A 169 -13.84 -23.05 -5.45
C PHE A 169 -14.57 -21.77 -5.90
N TYR A 170 -15.90 -21.86 -5.95
CA TYR A 170 -16.72 -20.75 -6.33
C TYR A 170 -17.42 -20.19 -5.10
N ILE A 171 -17.48 -18.88 -5.01
CA ILE A 171 -18.31 -18.20 -4.02
C ILE A 171 -19.52 -17.67 -4.79
N MET A 172 -20.70 -18.18 -4.46
CA MET A 172 -21.94 -17.71 -5.07
C MET A 172 -22.62 -16.81 -4.04
N ALA A 173 -22.95 -15.58 -4.43
CA ALA A 173 -23.40 -14.61 -3.44
C ALA A 173 -24.63 -13.87 -3.87
N GLU A 174 -25.31 -13.24 -2.90
CA GLU A 174 -26.51 -12.48 -3.16
C GLU A 174 -26.29 -11.23 -4.04
N SER A 175 -25.04 -10.80 -4.16
CA SER A 175 -24.68 -9.62 -4.95
C SER A 175 -23.19 -9.57 -5.23
N GLN A 176 -22.76 -8.67 -6.10
CA GLN A 176 -21.33 -8.50 -6.39
C GLN A 176 -20.57 -7.98 -5.17
N PRO A 177 -21.03 -6.88 -4.54
CA PRO A 177 -20.29 -6.48 -3.36
C PRO A 177 -20.08 -7.61 -2.32
N ALA A 178 -21.10 -8.43 -2.11
CA ALA A 178 -21.02 -9.44 -1.08
C ALA A 178 -20.10 -10.58 -1.51
N GLY A 179 -20.11 -10.93 -2.78
CA GLY A 179 -19.19 -11.96 -3.25
C GLY A 179 -17.73 -11.55 -3.16
N LEU A 180 -17.46 -10.27 -3.41
CA LEU A 180 -16.11 -9.75 -3.36
C LEU A 180 -15.62 -9.57 -1.92
N GLN A 181 -16.47 -9.13 -1.00
CA GLN A 181 -16.07 -9.07 0.40
C GLN A 181 -15.67 -10.48 0.85
N ALA A 182 -16.46 -11.48 0.47
CA ALA A 182 -16.18 -12.88 0.84
C ALA A 182 -14.92 -13.45 0.16
N ALA A 183 -14.73 -13.10 -1.10
CA ALA A 183 -13.57 -13.57 -1.86
C ALA A 183 -12.27 -12.95 -1.33
N GLU A 184 -12.24 -11.64 -1.08
CA GLU A 184 -11.03 -11.06 -0.47
C GLU A 184 -10.72 -11.69 0.89
N ALA A 185 -11.74 -12.06 1.65
CA ALA A 185 -11.52 -12.67 2.96
C ALA A 185 -10.91 -14.07 2.81
N ALA A 186 -11.38 -14.82 1.83
CA ALA A 186 -10.80 -16.12 1.48
C ALA A 186 -9.34 -15.99 1.12
N VAL A 187 -9.03 -14.98 0.33
CA VAL A 187 -7.67 -14.78 -0.15
C VAL A 187 -6.76 -14.36 0.99
N ASP A 188 -7.25 -13.52 1.90
CA ASP A 188 -6.49 -13.20 3.09
C ASP A 188 -6.12 -14.48 3.85
N ALA A 189 -6.98 -15.48 3.80
CA ALA A 189 -6.75 -16.73 4.48
C ALA A 189 -5.71 -17.55 3.75
N ILE A 190 -5.84 -17.59 2.42
CA ILE A 190 -4.95 -18.37 1.57
C ILE A 190 -3.53 -17.81 1.62
N LYS A 191 -3.40 -16.51 1.84
CA LYS A 191 -2.09 -15.87 2.00
C LYS A 191 -1.20 -16.59 3.00
N GLY A 192 -1.77 -17.00 4.13
CA GLY A 192 -1.00 -17.70 5.18
C GLY A 192 -0.67 -19.17 4.97
N VAL A 193 -1.19 -19.78 3.92
CA VAL A 193 -0.91 -21.18 3.63
C VAL A 193 0.37 -21.24 2.82
N GLU A 194 1.44 -21.74 3.42
CA GLU A 194 2.74 -21.89 2.73
C GLU A 194 2.67 -22.97 1.65
N GLY A 195 3.29 -22.70 0.52
CA GLY A 195 3.28 -23.62 -0.62
C GLY A 195 2.13 -23.40 -1.59
N ALA A 196 1.25 -22.46 -1.29
CA ALA A 196 0.08 -22.19 -2.12
C ALA A 196 0.01 -20.74 -2.56
N TYR A 197 -0.46 -20.52 -3.78
CA TYR A 197 -0.65 -19.18 -4.30
C TYR A 197 -1.87 -19.09 -5.21
N ALA A 198 -2.38 -17.87 -5.39
CA ALA A 198 -3.58 -17.60 -6.16
C ALA A 198 -3.25 -16.65 -7.31
N PRO A 199 -3.08 -17.19 -8.53
CA PRO A 199 -2.50 -16.39 -9.60
C PRO A 199 -3.35 -15.24 -10.16
N PHE A 200 -4.65 -15.21 -9.90
CA PHE A 200 -5.51 -14.19 -10.51
C PHE A 200 -5.41 -12.85 -9.79
N PRO A 201 -5.90 -11.76 -10.42
CA PRO A 201 -5.83 -10.44 -9.80
C PRO A 201 -6.51 -10.41 -8.41
N GLY A 202 -5.76 -10.02 -7.38
CA GLY A 202 -6.25 -10.10 -6.00
C GLY A 202 -6.51 -11.53 -5.53
N GLY A 203 -6.11 -12.54 -6.33
CA GLY A 203 -6.41 -13.93 -6.01
C GLY A 203 -7.71 -14.43 -6.62
N ILE A 204 -8.43 -13.51 -7.27
CA ILE A 204 -9.84 -13.68 -7.58
C ILE A 204 -10.14 -13.60 -9.06
N VAL A 205 -10.95 -14.54 -9.55
CA VAL A 205 -11.33 -14.61 -10.96
C VAL A 205 -12.77 -14.16 -11.12
N ALA A 206 -12.97 -13.04 -11.79
CA ALA A 206 -14.30 -12.46 -11.99
C ALA A 206 -14.93 -13.00 -13.27
N SER A 207 -14.16 -13.79 -14.01
CA SER A 207 -14.60 -14.27 -15.32
C SER A 207 -14.08 -15.70 -15.56
N ALA A 208 -14.62 -16.64 -14.78
CA ALA A 208 -14.30 -18.04 -14.91
C ALA A 208 -14.73 -18.56 -16.27
N SER A 209 -14.04 -19.59 -16.76
CA SER A 209 -14.20 -20.08 -18.11
C SER A 209 -14.54 -21.56 -18.20
N LYS A 210 -15.04 -21.97 -19.37
CA LYS A 210 -15.29 -23.37 -19.70
C LYS A 210 -14.38 -23.75 -20.84
N VAL A 211 -14.04 -25.03 -20.97
CA VAL A 211 -13.17 -25.48 -22.06
C VAL A 211 -13.88 -25.21 -23.39
N GLY A 212 -13.19 -24.51 -24.30
CA GLY A 212 -13.73 -24.23 -25.63
C GLY A 212 -14.91 -23.27 -25.72
N SER A 213 -15.61 -23.34 -26.85
CA SER A 213 -16.71 -22.43 -27.21
C SER A 213 -17.81 -23.15 -28.00
N LYS A 214 -19.06 -22.95 -27.60
CA LYS A 214 -20.21 -23.55 -28.28
C LYS A 214 -20.43 -22.90 -29.64
N GLN A 215 -20.64 -21.59 -29.66
CA GLN A 215 -20.99 -20.89 -30.91
C GLN A 215 -19.83 -20.82 -31.90
N TYR A 216 -18.60 -20.72 -31.39
CA TYR A 216 -17.41 -20.48 -32.24
C TYR A 216 -16.52 -21.71 -32.31
N ASP A 217 -15.50 -21.62 -33.15
N ASP A 217 -15.50 -21.64 -33.17
CA ASP A 217 -14.57 -22.72 -33.40
CA ASP A 217 -14.56 -22.75 -33.35
C ASP A 217 -13.14 -22.42 -32.93
C ASP A 217 -13.15 -22.41 -32.85
N PHE A 218 -12.74 -21.15 -33.03
CA PHE A 218 -11.36 -20.71 -32.81
C PHE A 218 -10.94 -20.47 -31.36
N LEU A 219 -11.89 -20.48 -30.42
CA LEU A 219 -11.57 -20.16 -29.02
C LEU A 219 -11.15 -21.40 -28.20
N PRO A 220 -10.08 -21.26 -27.41
CA PRO A 220 -9.64 -22.31 -26.51
C PRO A 220 -10.52 -22.39 -25.26
N ALA A 221 -11.05 -21.23 -24.82
CA ALA A 221 -11.89 -21.17 -23.65
C ALA A 221 -12.89 -20.04 -23.84
N SER A 222 -13.96 -20.04 -23.06
CA SER A 222 -14.96 -18.98 -23.13
C SER A 222 -15.69 -18.87 -21.81
N THR A 223 -16.52 -17.86 -21.67
CA THR A 223 -17.22 -17.63 -20.41
C THR A 223 -17.98 -18.88 -19.94
N ASN A 224 -17.93 -19.15 -18.63
CA ASN A 224 -18.74 -20.20 -18.02
C ASN A 224 -20.21 -19.73 -17.89
N ASP A 225 -20.95 -19.90 -19.01
CA ASP A 225 -22.36 -19.43 -19.13
C ASP A 225 -23.32 -20.04 -18.10
N ALA A 226 -23.01 -21.26 -17.66
CA ALA A 226 -23.77 -21.96 -16.64
C ALA A 226 -23.81 -21.19 -15.33
N TYR A 227 -22.74 -20.46 -15.02
CA TYR A 227 -22.64 -19.70 -13.76
C TYR A 227 -22.65 -18.19 -13.97
N CYS A 228 -23.09 -17.73 -15.14
CA CYS A 228 -23.21 -16.30 -15.44
C CYS A 228 -24.59 -15.79 -15.07
N PRO A 229 -24.68 -14.86 -14.11
CA PRO A 229 -25.99 -14.42 -13.64
C PRO A 229 -26.83 -13.63 -14.64
N THR A 230 -26.23 -13.05 -15.68
CA THR A 230 -27.01 -12.29 -16.67
C THR A 230 -27.50 -13.19 -17.83
N VAL A 231 -27.11 -14.45 -17.82
CA VAL A 231 -27.53 -15.42 -18.84
C VAL A 231 -28.78 -16.17 -18.38
N GLU A 232 -29.83 -16.17 -19.22
CA GLU A 232 -31.19 -16.51 -18.79
C GLU A 232 -31.42 -17.93 -18.23
N ASP A 233 -30.95 -18.96 -18.95
CA ASP A 233 -31.16 -20.36 -18.51
C ASP A 233 -29.90 -20.95 -17.91
N ASN A 234 -29.39 -20.26 -16.91
CA ASN A 234 -28.21 -20.71 -16.20
C ASN A 234 -28.52 -21.61 -15.02
N GLU A 235 -27.46 -22.23 -14.52
CA GLU A 235 -27.54 -23.26 -13.49
C GLU A 235 -27.28 -22.71 -12.09
N LEU A 236 -27.58 -21.43 -11.87
CA LEU A 236 -27.34 -20.79 -10.57
C LEU A 236 -28.56 -20.87 -9.68
N PRO A 237 -28.35 -21.06 -8.36
CA PRO A 237 -29.44 -21.04 -7.40
C PRO A 237 -30.22 -19.75 -7.47
N GLU A 238 -31.39 -19.73 -6.84
CA GLU A 238 -32.16 -18.50 -6.73
C GLU A 238 -31.52 -17.69 -5.61
N GLY A 239 -31.48 -16.37 -5.79
CA GLY A 239 -30.87 -15.47 -4.82
C GLY A 239 -29.39 -15.24 -5.07
N VAL A 240 -28.84 -15.85 -6.13
CA VAL A 240 -27.45 -15.66 -6.51
C VAL A 240 -27.31 -14.71 -7.70
N LYS A 241 -26.72 -13.55 -7.46
CA LYS A 241 -26.52 -12.52 -8.47
C LYS A 241 -25.06 -12.33 -8.88
N CYS A 242 -24.13 -12.99 -8.20
CA CYS A 242 -22.71 -12.88 -8.50
C CYS A 242 -21.97 -14.16 -8.14
N VAL A 243 -21.05 -14.55 -9.00
CA VAL A 243 -20.17 -15.68 -8.73
C VAL A 243 -18.72 -15.20 -8.86
N TYR A 244 -17.87 -15.62 -7.91
CA TYR A 244 -16.43 -15.44 -8.02
C TYR A 244 -15.76 -16.79 -7.87
N GLU A 245 -14.67 -17.00 -8.62
CA GLU A 245 -13.86 -18.18 -8.43
C GLU A 245 -12.52 -17.80 -7.81
N ILE A 246 -12.11 -18.56 -6.80
CA ILE A 246 -10.74 -18.52 -6.29
C ILE A 246 -10.00 -19.72 -6.86
N VAL A 247 -8.95 -19.47 -7.62
CA VAL A 247 -8.11 -20.54 -8.16
C VAL A 247 -6.77 -20.58 -7.43
N ILE A 248 -6.37 -21.78 -7.06
CA ILE A 248 -5.23 -21.99 -6.18
C ILE A 248 -4.24 -22.97 -6.84
N ASN A 249 -2.97 -22.58 -6.91
CA ASN A 249 -1.89 -23.48 -7.28
C ASN A 249 -1.00 -23.71 -6.08
N GLY A 250 -0.43 -24.90 -5.97
CA GLY A 250 0.39 -25.25 -4.81
C GLY A 250 1.51 -26.23 -5.11
N LEU A 251 2.45 -26.33 -4.16
CA LEU A 251 3.61 -27.24 -4.30
C LEU A 251 3.17 -28.69 -4.35
N ASN A 252 2.09 -29.00 -3.64
CA ASN A 252 1.54 -30.34 -3.58
C ASN A 252 0.04 -30.25 -3.31
N GLU A 253 -0.64 -31.37 -3.41
CA GLU A 253 -2.07 -31.43 -3.15
C GLU A 253 -2.48 -31.02 -1.75
N GLU A 254 -1.67 -31.33 -0.75
N GLU A 254 -1.64 -31.32 -0.77
CA GLU A 254 -2.04 -31.00 0.63
CA GLU A 254 -1.91 -31.03 0.63
C GLU A 254 -2.04 -29.49 0.89
C GLU A 254 -2.02 -29.52 0.88
N ALA A 255 -1.20 -28.75 0.17
CA ALA A 255 -1.15 -27.30 0.29
C ALA A 255 -2.36 -26.67 -0.39
N VAL A 256 -2.73 -27.20 -1.55
CA VAL A 256 -3.92 -26.75 -2.27
C VAL A 256 -5.19 -27.01 -1.43
N LYS A 257 -5.26 -28.17 -0.80
CA LYS A 257 -6.41 -28.52 0.02
C LYS A 257 -6.55 -27.60 1.23
N GLU A 258 -5.42 -27.28 1.84
CA GLU A 258 -5.41 -26.43 3.02
C GLU A 258 -5.88 -25.02 2.65
N ALA A 259 -5.43 -24.56 1.49
CA ALA A 259 -5.77 -23.27 0.95
C ALA A 259 -7.25 -23.19 0.65
N MET A 260 -7.77 -24.23 0.01
CA MET A 260 -9.21 -24.34 -0.25
C MET A 260 -9.99 -24.33 1.07
N ARG A 261 -9.52 -25.14 2.00
CA ARG A 261 -10.21 -25.29 3.27
C ARG A 261 -10.33 -23.96 4.01
N VAL A 262 -9.20 -23.32 4.28
CA VAL A 262 -9.21 -22.05 5.02
C VAL A 262 -9.82 -20.91 4.21
N GLY A 263 -9.72 -20.99 2.88
CA GLY A 263 -10.39 -20.05 1.99
C GLY A 263 -11.91 -20.09 2.11
N ILE A 264 -12.47 -21.29 2.08
CA ILE A 264 -13.92 -21.44 2.17
C ILE A 264 -14.42 -21.03 3.54
N GLU A 265 -13.71 -21.41 4.59
CA GLU A 265 -14.10 -21.05 5.96
C GLU A 265 -14.17 -19.54 6.15
N ALA A 266 -13.19 -18.82 5.61
CA ALA A 266 -13.14 -17.37 5.69
C ALA A 266 -14.25 -16.69 4.91
N ALA A 267 -14.49 -17.16 3.69
CA ALA A 267 -15.61 -16.73 2.86
C ALA A 267 -16.96 -16.88 3.55
N CYS A 268 -17.20 -18.07 4.11
CA CYS A 268 -18.46 -18.39 4.75
C CYS A 268 -18.72 -17.57 6.00
N GLN A 269 -17.74 -16.79 6.44
CA GLN A 269 -17.93 -15.88 7.58
C GLN A 269 -18.43 -14.50 7.17
N GLN A 270 -18.33 -14.21 5.88
CA GLN A 270 -18.72 -12.92 5.35
C GLN A 270 -20.19 -12.99 4.90
N PRO A 271 -20.95 -11.88 5.08
CA PRO A 271 -22.38 -11.89 4.76
C PRO A 271 -22.69 -12.06 3.27
N GLY A 272 -23.90 -12.56 2.98
CA GLY A 272 -24.47 -12.55 1.63
C GLY A 272 -24.00 -13.67 0.76
N VAL A 273 -23.34 -14.66 1.36
CA VAL A 273 -22.86 -15.81 0.62
C VAL A 273 -23.96 -16.91 0.63
N VAL A 274 -24.25 -17.44 -0.55
CA VAL A 274 -25.36 -18.38 -0.71
C VAL A 274 -24.85 -19.82 -0.77
N LYS A 275 -23.79 -20.05 -1.52
CA LYS A 275 -23.35 -21.39 -1.79
C LYS A 275 -21.89 -21.42 -2.22
N ILE A 276 -21.21 -22.50 -1.81
CA ILE A 276 -19.83 -22.74 -2.19
C ILE A 276 -19.84 -23.92 -3.14
N SER A 277 -19.25 -23.73 -4.30
CA SER A 277 -19.13 -24.81 -5.28
C SER A 277 -17.67 -24.96 -5.70
N ALA A 278 -17.44 -25.71 -6.77
CA ALA A 278 -16.12 -25.90 -7.29
C ALA A 278 -16.25 -26.29 -8.74
N GLY A 279 -15.17 -26.12 -9.48
CA GLY A 279 -15.15 -26.37 -10.92
C GLY A 279 -14.35 -27.61 -11.28
N ASN A 280 -14.93 -28.47 -12.10
CA ASN A 280 -14.26 -29.68 -12.51
C ASN A 280 -14.58 -29.99 -13.96
N PHE A 281 -14.00 -31.08 -14.46
CA PHE A 281 -14.14 -31.47 -15.85
C PHE A 281 -14.68 -32.90 -15.90
N GLY A 282 -15.45 -33.25 -14.86
CA GLY A 282 -16.06 -34.56 -14.76
C GLY A 282 -15.06 -35.67 -14.55
N GLY A 283 -13.89 -35.33 -14.02
CA GLY A 283 -12.81 -36.29 -13.81
C GLY A 283 -12.15 -36.78 -15.09
N LYS A 284 -12.49 -36.16 -16.21
CA LYS A 284 -12.04 -36.63 -17.52
C LYS A 284 -10.71 -36.00 -17.96
N LEU A 285 -10.16 -35.09 -17.15
CA LEU A 285 -8.98 -34.31 -17.56
C LEU A 285 -7.91 -34.21 -16.48
N GLY A 286 -8.30 -33.82 -15.27
CA GLY A 286 -7.35 -33.61 -14.17
C GLY A 286 -6.66 -34.87 -13.67
N GLN A 287 -5.70 -34.67 -12.77
CA GLN A 287 -5.01 -35.75 -12.08
C GLN A 287 -5.44 -35.76 -10.61
N TYR A 288 -6.13 -34.70 -10.20
CA TYR A 288 -6.53 -34.52 -8.81
C TYR A 288 -7.99 -34.18 -8.72
N GLU A 289 -8.60 -34.57 -7.61
CA GLU A 289 -10.00 -34.31 -7.33
C GLU A 289 -10.11 -33.98 -5.85
N ILE A 290 -10.38 -32.71 -5.55
CA ILE A 290 -10.48 -32.27 -4.18
C ILE A 290 -11.97 -32.07 -3.85
N HIS A 291 -12.53 -33.01 -3.11
CA HIS A 291 -13.94 -33.00 -2.82
C HIS A 291 -14.18 -32.09 -1.63
N LEU A 292 -15.04 -31.09 -1.83
CA LEU A 292 -15.28 -30.05 -0.85
C LEU A 292 -15.75 -30.66 0.45
N HIS A 293 -16.49 -31.76 0.34
CA HIS A 293 -17.06 -32.43 1.50
C HIS A 293 -16.01 -33.13 2.38
N ASP A 294 -14.86 -33.45 1.78
CA ASP A 294 -13.76 -34.09 2.48
C ASP A 294 -12.90 -33.12 3.30
N LEU A 295 -12.98 -31.83 3.00
CA LEU A 295 -12.13 -30.83 3.65
C LEU A 295 -12.60 -30.46 5.06
N PHE A 296 -13.82 -30.82 5.40
CA PHE A 296 -14.43 -30.39 6.67
C PHE A 296 -14.91 -31.58 7.50
N MET B 1 26.91 22.16 -16.75
CA MET B 1 25.73 22.64 -16.00
C MET B 1 25.63 21.96 -14.65
N GLU B 2 25.08 22.67 -13.70
CA GLU B 2 24.76 22.10 -12.39
C GLU B 2 23.31 22.39 -12.06
N ILE B 3 22.65 21.42 -11.42
CA ILE B 3 21.34 21.61 -10.81
C ILE B 3 21.50 21.21 -9.36
N ASN B 4 21.34 22.18 -8.46
CA ASN B 4 21.59 21.96 -7.03
C ASN B 4 22.96 21.33 -6.74
N GLY B 5 23.98 21.81 -7.46
CA GLY B 5 25.35 21.34 -7.27
C GLY B 5 25.67 19.99 -7.88
N VAL B 6 24.74 19.46 -8.70
CA VAL B 6 24.90 18.17 -9.37
C VAL B 6 25.26 18.42 -10.83
N GLU B 7 26.40 17.90 -11.26
N GLU B 7 26.40 17.90 -11.28
CA GLU B 7 26.84 18.05 -12.65
CA GLU B 7 26.85 18.14 -12.65
C GLU B 7 25.82 17.42 -13.58
C GLU B 7 25.95 17.42 -13.66
N ILE B 8 25.36 18.18 -14.57
CA ILE B 8 24.51 17.62 -15.61
C ILE B 8 25.41 17.37 -16.83
N GLU B 9 25.68 16.11 -17.14
CA GLU B 9 26.54 15.81 -18.28
C GLU B 9 25.94 16.34 -19.58
N ASP B 10 26.79 16.94 -20.42
CA ASP B 10 26.35 17.46 -21.70
C ASP B 10 26.27 16.31 -22.67
N THR B 11 25.22 15.50 -22.52
CA THR B 11 24.98 14.40 -23.45
C THR B 11 23.49 14.28 -23.73
N PHE B 12 23.08 13.20 -24.38
CA PHE B 12 21.69 13.02 -24.75
C PHE B 12 21.16 11.62 -24.50
N ALA B 13 19.84 11.53 -24.35
CA ALA B 13 19.14 10.27 -24.34
C ALA B 13 18.73 9.96 -25.78
N GLU B 14 18.99 8.74 -26.22
CA GLU B 14 18.60 8.35 -27.57
C GLU B 14 17.39 7.43 -27.51
N ALA B 15 16.25 7.99 -27.91
CA ALA B 15 14.97 7.30 -27.84
C ALA B 15 14.49 6.93 -29.24
N PHE B 16 13.47 6.06 -29.28
CA PHE B 16 13.01 5.41 -30.49
C PHE B 16 11.52 5.63 -30.70
N GLU B 17 11.12 5.54 -31.96
CA GLU B 17 9.72 5.32 -32.33
C GLU B 17 9.25 3.97 -31.80
N ALA B 18 8.04 3.94 -31.26
CA ALA B 18 7.46 2.72 -30.72
C ALA B 18 5.94 2.80 -30.79
N LYS B 19 5.29 1.64 -30.90
CA LYS B 19 3.84 1.61 -30.93
C LYS B 19 3.35 1.56 -29.50
N MET B 20 2.35 2.38 -29.20
CA MET B 20 1.80 2.42 -27.86
C MET B 20 0.28 2.47 -27.84
N ALA B 21 -0.29 1.78 -26.86
CA ALA B 21 -1.69 1.92 -26.54
C ALA B 21 -1.79 2.59 -25.19
N ARG B 22 -2.94 3.14 -24.90
CA ARG B 22 -3.20 3.77 -23.62
C ARG B 22 -4.63 3.36 -23.25
N VAL B 23 -4.77 2.79 -22.06
CA VAL B 23 -6.00 2.13 -21.65
C VAL B 23 -6.46 2.68 -20.31
N LEU B 24 -7.72 3.06 -20.20
CA LEU B 24 -8.31 3.44 -18.90
C LEU B 24 -9.00 2.23 -18.22
N ILE B 25 -8.49 1.82 -17.05
CA ILE B 25 -9.15 0.78 -16.27
C ILE B 25 -9.96 1.45 -15.17
N THR B 26 -11.24 1.14 -15.11
CA THR B 26 -12.07 1.58 -14.00
C THR B 26 -12.41 0.35 -13.20
N ALA B 27 -12.78 0.55 -11.94
CA ALA B 27 -13.18 -0.54 -11.08
C ALA B 27 -14.01 0.04 -9.96
N ALA B 28 -14.48 -0.81 -9.05
CA ALA B 28 -15.35 -0.37 -7.96
C ALA B 28 -14.66 0.60 -7.02
N SER B 29 -13.33 0.50 -6.96
CA SER B 29 -12.52 1.38 -6.13
C SER B 29 -11.17 1.54 -6.77
N HIS B 30 -10.44 2.54 -6.27
CA HIS B 30 -9.05 2.71 -6.67
C HIS B 30 -8.22 1.44 -6.39
N LYS B 31 -8.48 0.84 -5.23
CA LYS B 31 -7.87 -0.43 -4.84
C LYS B 31 -8.03 -1.51 -5.90
N TRP B 32 -9.25 -1.80 -6.34
CA TRP B 32 -9.44 -2.87 -7.34
C TRP B 32 -8.96 -2.46 -8.70
N ALA B 33 -9.04 -1.16 -9.02
CA ALA B 33 -8.42 -0.62 -10.25
C ALA B 33 -6.91 -0.94 -10.31
N MET B 34 -6.24 -0.70 -9.19
CA MET B 34 -4.81 -0.98 -9.07
C MET B 34 -4.46 -2.47 -9.07
N ILE B 35 -5.33 -3.32 -8.55
CA ILE B 35 -5.15 -4.77 -8.62
C ILE B 35 -5.07 -5.25 -10.07
N ALA B 36 -5.95 -4.70 -10.91
CA ALA B 36 -6.00 -5.04 -12.32
C ALA B 36 -4.82 -4.46 -13.10
N VAL B 37 -4.49 -3.22 -12.76
CA VAL B 37 -3.39 -2.50 -13.39
C VAL B 37 -2.05 -3.16 -13.21
N LYS B 38 -1.70 -3.46 -11.96
CA LYS B 38 -0.45 -4.13 -11.64
C LYS B 38 -0.31 -5.47 -12.33
N GLU B 39 -1.38 -6.25 -12.34
CA GLU B 39 -1.33 -7.55 -13.00
C GLU B 39 -1.11 -7.33 -14.49
N ALA B 40 -1.83 -6.36 -15.04
CA ALA B 40 -1.86 -6.13 -16.48
C ALA B 40 -0.56 -5.51 -17.01
N THR B 41 0.06 -4.66 -16.19
CA THR B 41 1.29 -3.99 -16.57
C THR B 41 2.53 -4.69 -16.02
N GLY B 42 2.35 -5.81 -15.31
CA GLY B 42 3.49 -6.59 -14.82
C GLY B 42 4.17 -7.42 -15.90
N PHE B 43 5.32 -8.02 -15.58
CA PHE B 43 6.17 -8.70 -16.57
C PHE B 43 6.28 -7.88 -17.87
N GLY B 44 6.62 -6.61 -17.73
CA GLY B 44 6.58 -5.66 -18.84
C GLY B 44 7.50 -4.48 -18.63
N THR B 45 8.79 -4.78 -18.48
CA THR B 45 9.81 -3.77 -18.20
C THR B 45 10.57 -3.41 -19.47
N SER B 46 10.79 -4.40 -20.31
CA SER B 46 11.63 -4.27 -21.49
C SER B 46 11.39 -5.39 -22.51
N VAL B 47 11.28 -5.02 -23.78
CA VAL B 47 11.11 -6.01 -24.86
C VAL B 47 12.37 -6.84 -25.19
N ILE B 48 13.44 -6.70 -24.41
CA ILE B 48 14.61 -7.56 -24.58
C ILE B 48 14.20 -9.01 -24.32
N MET B 49 13.46 -9.21 -23.22
CA MET B 49 12.91 -10.52 -22.88
C MET B 49 11.55 -10.49 -22.15
N CYS B 50 10.85 -9.34 -22.14
CA CYS B 50 9.44 -9.31 -21.77
C CYS B 50 8.61 -9.22 -23.05
N PRO B 51 7.33 -9.63 -22.96
CA PRO B 51 6.45 -9.52 -24.09
C PRO B 51 6.03 -8.09 -24.42
N ALA B 52 6.14 -7.15 -23.48
CA ALA B 52 5.86 -5.74 -23.75
C ALA B 52 6.55 -4.81 -22.79
N GLU B 53 6.35 -3.51 -23.00
CA GLU B 53 6.75 -2.50 -22.04
C GLU B 53 5.50 -1.78 -21.58
N ALA B 54 5.18 -1.93 -20.31
CA ALA B 54 3.90 -1.47 -19.80
C ALA B 54 4.08 -0.78 -18.47
N GLY B 55 3.15 0.08 -18.13
CA GLY B 55 3.23 0.75 -16.84
C GLY B 55 2.09 1.72 -16.66
N ILE B 56 2.02 2.29 -15.47
CA ILE B 56 0.96 3.19 -15.13
C ILE B 56 1.28 4.57 -15.67
N ASP B 57 0.27 5.21 -16.27
CA ASP B 57 0.36 6.60 -16.67
C ASP B 57 -0.20 7.48 -15.55
N CYS B 58 -1.52 7.58 -15.40
CA CYS B 58 -2.13 8.39 -14.32
C CYS B 58 -2.83 7.44 -13.33
N GLY B 59 -2.31 7.42 -12.11
CA GLY B 59 -2.75 6.47 -11.09
C GLY B 59 -4.11 6.77 -10.48
N TYR B 60 -4.58 8.00 -10.65
CA TYR B 60 -5.88 8.41 -10.13
C TYR B 60 -6.63 9.21 -11.19
N VAL B 61 -7.65 8.60 -11.78
CA VAL B 61 -8.57 9.28 -12.67
C VAL B 61 -9.85 9.45 -11.87
N PRO B 62 -10.29 10.70 -11.69
CA PRO B 62 -11.46 10.90 -10.86
C PRO B 62 -12.72 10.20 -11.39
N PRO B 63 -13.53 9.61 -10.50
CA PRO B 63 -14.78 8.95 -10.87
C PRO B 63 -15.58 9.83 -11.77
N GLU B 64 -15.60 11.10 -11.36
CA GLU B 64 -16.29 12.11 -12.12
C GLU B 64 -15.86 12.17 -13.59
N GLU B 65 -14.65 11.76 -13.97
CA GLU B 65 -14.14 11.92 -15.32
C GLU B 65 -14.00 10.62 -16.10
N THR B 66 -14.61 9.55 -15.60
CA THR B 66 -14.60 8.26 -16.32
C THR B 66 -15.97 8.05 -16.97
N PRO B 67 -16.01 7.24 -18.06
CA PRO B 67 -17.26 6.93 -18.73
C PRO B 67 -18.35 6.38 -17.81
N ASP B 68 -17.96 5.53 -16.86
CA ASP B 68 -18.94 4.85 -16.01
C ASP B 68 -19.10 5.51 -14.64
N GLY B 69 -18.35 6.56 -14.37
CA GLY B 69 -18.48 7.27 -13.10
C GLY B 69 -17.78 6.60 -11.92
N ARG B 70 -16.85 5.70 -12.23
CA ARG B 70 -16.13 4.92 -11.24
C ARG B 70 -14.65 5.32 -11.22
N PRO B 71 -13.95 5.08 -10.09
CA PRO B 71 -12.50 5.27 -9.96
C PRO B 71 -11.73 4.59 -11.08
N GLY B 72 -10.76 5.29 -11.65
CA GLY B 72 -9.99 4.79 -12.80
C GLY B 72 -8.49 4.99 -12.70
N VAL B 73 -7.75 4.39 -13.63
CA VAL B 73 -6.31 4.42 -13.59
C VAL B 73 -5.94 4.25 -15.04
N THR B 74 -5.07 5.10 -15.59
CA THR B 74 -4.62 4.91 -16.97
C THR B 74 -3.29 4.20 -16.98
N ILE B 75 -3.12 3.32 -17.95
CA ILE B 75 -1.89 2.59 -18.12
C ILE B 75 -1.50 2.70 -19.58
N MET B 76 -0.24 2.43 -19.88
CA MET B 76 0.19 2.38 -21.28
C MET B 76 0.93 1.08 -21.52
N ILE B 77 0.77 0.55 -22.72
CA ILE B 77 1.43 -0.65 -23.15
C ILE B 77 2.06 -0.35 -24.51
N GLY B 78 3.31 -0.75 -24.69
CA GLY B 78 4.04 -0.46 -25.91
C GLY B 78 4.85 -1.63 -26.44
N HIS B 79 5.19 -1.53 -27.71
CA HIS B 79 6.06 -2.49 -28.36
C HIS B 79 6.57 -1.84 -29.65
N ASN B 80 7.74 -2.28 -30.09
CA ASN B 80 8.33 -1.82 -31.34
C ASN B 80 7.51 -2.32 -32.55
N ASP B 81 6.99 -3.54 -32.44
CA ASP B 81 6.12 -4.16 -33.43
C ASP B 81 4.64 -3.95 -33.08
N GLU B 82 3.84 -3.57 -34.08
CA GLU B 82 2.44 -3.19 -33.85
C GLU B 82 1.57 -4.41 -33.59
N ASP B 83 1.91 -5.53 -34.19
CA ASP B 83 1.12 -6.75 -34.06
C ASP B 83 1.37 -7.48 -32.76
N GLU B 84 2.61 -7.42 -32.27
CA GLU B 84 2.90 -7.91 -30.94
C GLU B 84 2.17 -7.04 -29.93
N LEU B 85 2.08 -5.74 -30.18
CA LEU B 85 1.30 -4.83 -29.33
C LEU B 85 -0.20 -5.16 -29.33
N LYS B 86 -0.74 -5.48 -30.50
CA LYS B 86 -2.13 -5.90 -30.60
C LYS B 86 -2.37 -7.23 -29.88
N GLU B 87 -1.43 -8.16 -30.02
CA GLU B 87 -1.51 -9.42 -29.28
C GLU B 87 -1.45 -9.16 -27.77
N GLN B 88 -0.65 -8.17 -27.37
CA GLN B 88 -0.44 -7.87 -25.96
C GLN B 88 -1.59 -7.12 -25.32
N LEU B 89 -2.31 -6.34 -26.14
CA LEU B 89 -3.52 -5.69 -25.67
C LEU B 89 -4.58 -6.74 -25.39
N LEU B 90 -4.70 -7.70 -26.30
CA LEU B 90 -5.61 -8.82 -26.13
C LEU B 90 -5.25 -9.63 -24.89
N ASP B 91 -3.99 -10.02 -24.79
CA ASP B 91 -3.56 -10.95 -23.74
C ASP B 91 -3.70 -10.34 -22.34
N ARG B 92 -3.28 -9.10 -22.18
CA ARG B 92 -3.26 -8.47 -20.84
C ARG B 92 -4.65 -8.03 -20.41
N ILE B 93 -5.43 -7.46 -21.33
CA ILE B 93 -6.81 -7.06 -21.01
C ILE B 93 -7.64 -8.33 -20.81
N GLY B 94 -7.50 -9.28 -21.74
CA GLY B 94 -8.24 -10.54 -21.68
C GLY B 94 -7.94 -11.39 -20.46
N GLN B 95 -6.66 -11.47 -20.08
CA GLN B 95 -6.26 -12.33 -18.96
C GLN B 95 -6.16 -11.63 -17.60
N CYS B 96 -5.93 -10.31 -17.59
CA CYS B 96 -5.64 -9.59 -16.34
C CYS B 96 -6.62 -8.52 -15.96
N VAL B 97 -7.39 -8.01 -16.93
CA VAL B 97 -8.38 -7.00 -16.61
C VAL B 97 -9.75 -7.62 -16.64
N MET B 98 -9.99 -8.50 -17.61
CA MET B 98 -11.28 -9.18 -17.67
C MET B 98 -11.51 -10.00 -16.41
N THR B 99 -10.46 -10.65 -15.90
CA THR B 99 -10.56 -11.57 -14.80
C THR B 99 -10.52 -10.86 -13.45
N ALA B 100 -10.20 -9.57 -13.45
CA ALA B 100 -10.01 -8.81 -12.20
C ALA B 100 -11.33 -8.34 -11.65
N PRO B 101 -11.56 -8.58 -10.36
CA PRO B 101 -12.81 -8.09 -9.80
C PRO B 101 -13.17 -6.66 -10.21
N THR B 102 -14.40 -6.54 -10.71
CA THR B 102 -15.10 -5.31 -11.02
C THR B 102 -14.55 -4.41 -12.11
N ALA B 103 -13.43 -4.75 -12.71
CA ALA B 103 -12.73 -3.80 -13.59
C ALA B 103 -13.24 -3.80 -15.02
N SER B 104 -13.31 -2.60 -15.60
CA SER B 104 -13.73 -2.39 -16.98
C SER B 104 -12.57 -1.72 -17.72
N ALA B 105 -12.54 -1.82 -19.05
CA ALA B 105 -11.42 -1.32 -19.85
C ALA B 105 -11.90 -0.41 -20.96
N PHE B 106 -11.44 0.83 -20.93
CA PHE B 106 -11.83 1.85 -21.90
C PHE B 106 -10.60 2.40 -22.62
N ASP B 107 -10.79 2.93 -23.82
CA ASP B 107 -9.71 3.55 -24.57
C ASP B 107 -9.34 4.87 -23.88
N ALA B 108 -8.06 5.20 -23.90
CA ALA B 108 -7.59 6.47 -23.36
C ALA B 108 -6.48 7.07 -24.22
N MET B 109 -6.45 6.71 -25.50
CA MET B 109 -5.59 7.41 -26.46
C MET B 109 -6.21 8.76 -26.77
N PRO B 110 -5.49 9.87 -26.50
CA PRO B 110 -6.02 11.16 -26.97
C PRO B 110 -6.29 11.11 -28.50
N GLU B 111 -7.29 11.86 -28.97
CA GLU B 111 -7.63 11.88 -30.41
C GLU B 111 -6.48 12.39 -31.28
N ALA B 112 -5.73 13.36 -30.74
CA ALA B 112 -4.57 13.93 -31.40
C ALA B 112 -3.48 12.90 -31.68
N GLU B 113 -3.33 11.92 -30.79
CA GLU B 113 -2.29 10.90 -30.93
C GLU B 113 -2.74 9.68 -31.72
N LYS B 114 -4.04 9.49 -31.87
CA LYS B 114 -4.58 8.31 -32.54
C LYS B 114 -4.09 8.20 -33.99
N GLU B 115 -3.51 7.06 -34.32
CA GLU B 115 -2.98 6.79 -35.65
C GLU B 115 -3.61 5.55 -36.27
N ASP B 116 -3.67 4.47 -35.49
CA ASP B 116 -4.33 3.23 -35.88
C ASP B 116 -5.47 2.90 -34.89
N GLU B 117 -6.23 1.85 -35.18
CA GLU B 117 -7.23 1.29 -34.28
C GLU B 117 -6.97 -0.18 -34.09
N ASP B 118 -7.33 -0.69 -32.92
CA ASP B 118 -7.43 -2.13 -32.72
C ASP B 118 -8.71 -2.41 -31.98
N ARG B 119 -9.52 -3.33 -32.52
CA ARG B 119 -10.81 -3.69 -31.93
C ARG B 119 -10.61 -4.79 -30.92
N VAL B 120 -10.06 -4.41 -29.77
CA VAL B 120 -9.74 -5.36 -28.72
C VAL B 120 -11.01 -5.85 -28.05
N GLY B 121 -11.91 -4.92 -27.72
CA GLY B 121 -13.21 -5.26 -27.14
C GLY B 121 -13.96 -6.27 -27.98
N TYR B 122 -14.08 -5.99 -29.27
CA TYR B 122 -14.72 -6.92 -30.20
C TYR B 122 -14.05 -8.30 -30.20
N LYS B 123 -12.73 -8.34 -30.33
CA LYS B 123 -12.04 -9.62 -30.33
C LYS B 123 -12.24 -10.34 -28.98
N LEU B 124 -12.28 -9.58 -27.89
CA LEU B 124 -12.54 -10.15 -26.56
C LEU B 124 -13.98 -10.61 -26.39
N SER B 125 -14.90 -9.98 -27.12
CA SER B 125 -16.34 -10.20 -26.95
C SER B 125 -16.77 -11.64 -27.22
N PHE B 126 -16.02 -12.35 -28.07
CA PHE B 126 -16.33 -13.74 -28.40
C PHE B 126 -16.23 -14.69 -27.22
N PHE B 127 -15.53 -14.26 -26.17
CA PHE B 127 -15.50 -14.97 -24.89
C PHE B 127 -16.93 -15.22 -24.36
N GLY B 128 -17.85 -14.31 -24.67
CA GLY B 128 -19.25 -14.41 -24.23
C GLY B 128 -20.11 -15.51 -24.87
N ASP B 129 -19.50 -16.40 -25.66
CA ASP B 129 -20.16 -17.54 -26.33
C ASP B 129 -21.58 -17.30 -26.85
N GLY B 130 -21.70 -16.26 -27.73
CA GLY B 130 -22.96 -15.87 -28.33
C GLY B 130 -23.78 -14.93 -27.47
N TYR B 131 -23.48 -14.88 -26.16
CA TYR B 131 -24.24 -14.07 -25.19
C TYR B 131 -23.75 -12.64 -25.03
N GLN B 132 -22.67 -12.27 -25.71
CA GLN B 132 -22.14 -10.91 -25.65
C GLN B 132 -23.05 -9.91 -26.37
N GLU B 133 -23.25 -8.74 -25.76
CA GLU B 133 -24.01 -7.66 -26.39
C GLU B 133 -23.15 -6.40 -26.55
N GLU B 134 -23.35 -5.68 -27.65
CA GLU B 134 -22.84 -4.32 -27.81
C GLU B 134 -23.78 -3.30 -27.13
N ASP B 135 -23.23 -2.15 -26.78
CA ASP B 135 -24.02 -1.11 -26.16
C ASP B 135 -23.26 0.21 -26.30
N GLU B 136 -23.87 1.29 -25.83
CA GLU B 136 -23.24 2.60 -25.83
C GLU B 136 -23.22 3.08 -24.40
N LEU B 137 -22.02 3.39 -23.87
CA LEU B 137 -21.87 3.95 -22.52
C LEU B 137 -21.13 5.27 -22.61
N ASP B 138 -21.81 6.35 -22.21
CA ASP B 138 -21.21 7.70 -22.22
C ASP B 138 -20.62 8.09 -23.58
N GLY B 139 -21.24 7.61 -24.66
CA GLY B 139 -20.82 7.95 -26.01
C GLY B 139 -19.77 7.02 -26.56
N ARG B 140 -19.46 5.96 -25.81
CA ARG B 140 -18.55 4.93 -26.26
C ARG B 140 -19.27 3.67 -26.73
N LYS B 141 -18.73 3.04 -27.75
CA LYS B 141 -19.20 1.74 -28.21
C LYS B 141 -18.46 0.65 -27.40
N VAL B 142 -19.23 -0.06 -26.58
CA VAL B 142 -18.67 -1.06 -25.67
C VAL B 142 -19.29 -2.42 -25.94
N TRP B 143 -18.63 -3.46 -25.43
CA TRP B 143 -19.19 -4.78 -25.40
C TRP B 143 -19.40 -5.17 -23.95
N LYS B 144 -20.64 -5.56 -23.64
CA LYS B 144 -20.99 -6.18 -22.37
C LYS B 144 -20.87 -7.69 -22.56
N ILE B 145 -19.84 -8.26 -21.94
CA ILE B 145 -19.50 -9.69 -22.06
C ILE B 145 -19.91 -10.36 -20.77
N PRO B 146 -20.80 -11.37 -20.85
CA PRO B 146 -21.27 -12.04 -19.63
C PRO B 146 -20.19 -12.85 -18.94
N VAL B 147 -19.99 -12.58 -17.66
CA VAL B 147 -19.03 -13.31 -16.86
C VAL B 147 -19.66 -13.68 -15.51
N VAL B 148 -19.01 -14.60 -14.80
CA VAL B 148 -19.61 -15.12 -13.56
C VAL B 148 -19.86 -14.01 -12.55
N GLU B 149 -19.04 -12.96 -12.58
CA GLU B 149 -19.25 -11.82 -11.69
C GLU B 149 -20.51 -11.04 -12.06
N GLY B 150 -20.85 -11.05 -13.35
CA GLY B 150 -21.92 -10.23 -13.89
C GLY B 150 -21.62 -9.89 -15.34
N GLU B 151 -20.90 -8.79 -15.57
CA GLU B 151 -20.51 -8.38 -16.91
C GLU B 151 -19.12 -7.74 -16.95
N PHE B 152 -18.39 -8.01 -18.03
CA PHE B 152 -17.16 -7.28 -18.32
C PHE B 152 -17.44 -6.26 -19.41
N ILE B 153 -17.20 -4.99 -19.10
CA ILE B 153 -17.36 -3.90 -20.06
C ILE B 153 -16.00 -3.55 -20.63
N VAL B 154 -15.89 -3.64 -21.95
CA VAL B 154 -14.68 -3.26 -22.65
C VAL B 154 -15.04 -2.44 -23.91
N GLU B 155 -14.33 -1.33 -24.14
CA GLU B 155 -14.55 -0.51 -25.32
C GLU B 155 -14.32 -1.32 -26.59
N ASP B 156 -15.04 -1.02 -27.65
CA ASP B 156 -14.88 -1.77 -28.90
C ASP B 156 -13.44 -1.69 -29.41
N SER B 157 -12.96 -0.47 -29.70
CA SER B 157 -11.59 -0.33 -30.23
C SER B 157 -10.72 0.58 -29.41
N PHE B 158 -9.42 0.34 -29.54
CA PHE B 158 -8.41 1.08 -28.82
C PHE B 158 -7.47 1.80 -29.78
N GLY B 159 -7.19 3.07 -29.47
CA GLY B 159 -6.32 3.89 -30.30
C GLY B 159 -4.88 3.48 -30.15
N ILE B 160 -4.19 3.26 -31.27
CA ILE B 160 -2.77 3.01 -31.28
C ILE B 160 -2.01 4.20 -31.87
N THR B 161 -0.87 4.53 -31.28
CA THR B 161 -0.06 5.67 -31.72
C THR B 161 1.36 5.21 -31.91
N THR B 162 2.14 6.07 -32.56
CA THR B 162 3.59 5.93 -32.59
C THR B 162 4.10 6.86 -31.50
N GLY B 163 4.66 6.28 -30.45
CA GLY B 163 5.18 7.03 -29.31
C GLY B 163 6.69 7.06 -29.31
N VAL B 164 7.24 7.57 -28.22
CA VAL B 164 8.68 7.68 -28.06
C VAL B 164 9.09 6.75 -26.93
N ALA B 165 9.87 5.73 -27.25
CA ALA B 165 10.31 4.75 -26.25
C ALA B 165 11.80 4.86 -25.97
N GLY B 166 12.17 4.78 -24.70
CA GLY B 166 13.58 4.69 -24.32
C GLY B 166 14.21 5.99 -23.91
N GLY B 167 13.42 7.04 -23.69
CA GLY B 167 13.94 8.25 -23.07
C GLY B 167 14.58 7.79 -21.77
N ASN B 168 15.56 8.52 -21.28
CA ASN B 168 16.25 8.08 -20.08
C ASN B 168 17.21 9.09 -19.47
N PHE B 169 17.63 8.77 -18.25
CA PHE B 169 18.76 9.45 -17.64
C PHE B 169 19.34 8.60 -16.52
N TYR B 170 20.60 8.83 -16.20
CA TYR B 170 21.28 8.09 -15.17
C TYR B 170 21.49 8.98 -13.97
N ILE B 171 21.26 8.42 -12.79
CA ILE B 171 21.60 9.08 -11.53
C ILE B 171 22.84 8.40 -10.98
N MET B 172 23.95 9.14 -10.93
CA MET B 172 25.22 8.61 -10.46
C MET B 172 25.42 9.17 -9.08
N ALA B 173 25.58 8.31 -8.07
CA ALA B 173 25.50 8.76 -6.67
C ALA B 173 26.64 8.26 -5.80
N GLU B 174 26.84 8.89 -4.65
CA GLU B 174 27.92 8.51 -3.76
C GLU B 174 27.76 7.10 -3.17
N SER B 175 26.55 6.53 -3.26
CA SER B 175 26.25 5.20 -2.73
C SER B 175 24.94 4.65 -3.31
N GLN B 176 24.63 3.39 -3.02
CA GLN B 176 23.33 2.81 -3.39
C GLN B 176 22.16 3.43 -2.63
N PRO B 177 22.21 3.49 -1.31
CA PRO B 177 21.07 4.17 -0.68
C PRO B 177 20.74 5.56 -1.24
N ALA B 178 21.77 6.33 -1.55
CA ALA B 178 21.57 7.70 -2.01
C ALA B 178 21.03 7.74 -3.43
N GLY B 179 21.53 6.86 -4.30
CA GLY B 179 21.02 6.78 -5.68
C GLY B 179 19.56 6.38 -5.77
N LEU B 180 19.13 5.50 -4.85
CA LEU B 180 17.76 5.04 -4.80
C LEU B 180 16.82 6.07 -4.15
N GLN B 181 17.25 6.79 -3.11
CA GLN B 181 16.43 7.87 -2.59
C GLN B 181 16.20 8.90 -3.70
N ALA B 182 17.22 9.15 -4.54
CA ALA B 182 17.11 10.12 -5.63
C ALA B 182 16.24 9.61 -6.77
N ALA B 183 16.40 8.34 -7.09
CA ALA B 183 15.62 7.74 -8.17
C ALA B 183 14.13 7.66 -7.80
N GLU B 184 13.80 7.16 -6.63
CA GLU B 184 12.37 7.17 -6.25
C GLU B 184 11.77 8.59 -6.31
N ALA B 185 12.57 9.61 -5.98
CA ALA B 185 12.05 10.99 -5.98
C ALA B 185 11.76 11.44 -7.42
N ALA B 186 12.64 11.05 -8.34
CA ALA B 186 12.46 11.31 -9.77
C ALA B 186 11.20 10.67 -10.30
N VAL B 187 10.96 9.44 -9.88
CA VAL B 187 9.81 8.67 -10.31
C VAL B 187 8.54 9.26 -9.75
N ASP B 188 8.57 9.73 -8.51
CA ASP B 188 7.42 10.42 -7.95
C ASP B 188 7.07 11.61 -8.84
N ALA B 189 8.09 12.23 -9.46
CA ALA B 189 7.88 13.40 -10.30
C ALA B 189 7.30 12.97 -11.62
N ILE B 190 7.85 11.90 -12.17
CA ILE B 190 7.44 11.42 -13.47
C ILE B 190 6.00 10.91 -13.43
N LYS B 191 5.56 10.44 -12.26
CA LYS B 191 4.18 10.00 -12.07
C LYS B 191 3.16 11.04 -12.54
N GLY B 192 3.40 12.30 -12.23
CA GLY B 192 2.49 13.41 -12.58
C GLY B 192 2.51 13.88 -14.02
N VAL B 193 3.45 13.41 -14.82
CA VAL B 193 3.53 13.81 -16.21
C VAL B 193 2.62 12.90 -17.01
N GLU B 194 1.52 13.46 -17.50
CA GLU B 194 0.54 12.71 -18.31
C GLU B 194 1.13 12.35 -19.66
N GLY B 195 0.89 11.12 -20.11
CA GLY B 195 1.40 10.66 -21.40
C GLY B 195 2.73 9.96 -21.28
N ALA B 196 3.29 9.90 -20.08
CA ALA B 196 4.59 9.26 -19.83
C ALA B 196 4.51 8.16 -18.79
N TYR B 197 5.31 7.13 -18.97
CA TYR B 197 5.40 6.04 -17.99
C TYR B 197 6.80 5.45 -17.94
N ALA B 198 7.10 4.80 -16.82
CA ALA B 198 8.43 4.23 -16.55
C ALA B 198 8.29 2.74 -16.34
N PRO B 199 8.62 1.94 -17.37
CA PRO B 199 8.25 0.52 -17.33
C PRO B 199 9.00 -0.36 -16.33
N PHE B 200 10.12 0.09 -15.76
CA PHE B 200 10.95 -0.78 -14.94
C PHE B 200 10.40 -0.85 -13.52
N PRO B 201 10.82 -1.86 -12.73
CA PRO B 201 10.33 -2.01 -11.36
C PRO B 201 10.51 -0.73 -10.51
N GLY B 202 9.42 -0.18 -9.99
CA GLY B 202 9.47 1.13 -9.31
C GLY B 202 9.84 2.28 -10.24
N GLY B 203 9.88 2.03 -11.55
CA GLY B 203 10.34 3.03 -12.52
C GLY B 203 11.84 3.00 -12.76
N ILE B 204 12.53 2.13 -12.03
CA ILE B 204 13.97 2.23 -11.86
C ILE B 204 14.69 0.99 -12.33
N VAL B 205 15.78 1.21 -13.08
CA VAL B 205 16.59 0.11 -13.62
C VAL B 205 17.89 0.05 -12.84
N ALA B 206 18.09 -1.06 -12.15
CA ALA B 206 19.29 -1.27 -11.34
C ALA B 206 20.38 -1.95 -12.15
N SER B 207 20.03 -2.36 -13.37
CA SER B 207 20.93 -3.14 -14.19
C SER B 207 20.83 -2.73 -15.65
N ALA B 208 21.23 -1.49 -15.94
CA ALA B 208 21.22 -0.96 -17.28
C ALA B 208 22.12 -1.79 -18.16
N SER B 209 21.75 -1.80 -19.43
CA SER B 209 22.32 -2.69 -20.42
C SER B 209 23.07 -1.92 -21.49
N LYS B 210 23.85 -2.67 -22.29
CA LYS B 210 24.44 -2.19 -23.54
C LYS B 210 24.02 -3.16 -24.65
N VAL B 211 24.06 -2.69 -25.90
CA VAL B 211 23.73 -3.53 -27.05
C VAL B 211 24.81 -4.61 -27.19
N GLY B 212 24.38 -5.86 -27.23
CA GLY B 212 25.29 -6.98 -27.43
C GLY B 212 26.24 -7.24 -26.27
N SER B 213 27.17 -8.17 -26.50
CA SER B 213 28.16 -8.56 -25.51
C SER B 213 29.55 -8.53 -26.13
N LYS B 214 30.52 -8.02 -25.38
CA LYS B 214 31.92 -8.04 -25.82
C LYS B 214 32.43 -9.47 -25.84
N GLN B 215 31.92 -10.29 -24.93
CA GLN B 215 32.46 -11.63 -24.70
C GLN B 215 31.69 -12.77 -25.37
N TYR B 216 30.38 -12.62 -25.56
CA TYR B 216 29.53 -13.74 -25.95
C TYR B 216 28.80 -13.49 -27.27
N ASP B 217 28.50 -14.57 -27.99
CA ASP B 217 27.88 -14.51 -29.33
C ASP B 217 26.36 -14.70 -29.31
N PHE B 218 25.82 -15.01 -28.14
CA PHE B 218 24.42 -15.41 -27.99
C PHE B 218 23.63 -14.43 -27.13
N LEU B 219 24.16 -13.21 -26.94
CA LEU B 219 23.50 -12.23 -26.08
C LEU B 219 22.99 -10.99 -26.83
N PRO B 220 21.66 -10.74 -26.78
CA PRO B 220 21.11 -9.52 -27.37
C PRO B 220 21.56 -8.26 -26.62
N ALA B 221 21.75 -8.40 -25.31
CA ALA B 221 22.29 -7.33 -24.48
C ALA B 221 23.04 -7.94 -23.30
N SER B 222 23.84 -7.11 -22.64
CA SER B 222 24.58 -7.50 -21.43
C SER B 222 24.75 -6.27 -20.57
N THR B 223 25.45 -6.37 -19.45
CA THR B 223 25.55 -5.25 -18.51
C THR B 223 26.47 -4.16 -19.04
N ASN B 224 26.10 -2.90 -18.76
CA ASN B 224 26.90 -1.74 -19.14
C ASN B 224 28.13 -1.66 -18.25
N ASP B 225 29.21 -2.33 -18.68
CA ASP B 225 30.47 -2.41 -17.92
C ASP B 225 31.09 -1.03 -17.66
N ALA B 226 30.80 -0.08 -18.55
CA ALA B 226 31.31 1.29 -18.44
C ALA B 226 30.77 2.02 -17.20
N TYR B 227 29.55 1.70 -16.78
CA TYR B 227 28.91 2.35 -15.63
C TYR B 227 28.72 1.44 -14.42
N CYS B 228 29.41 0.29 -14.40
CA CYS B 228 29.37 -0.64 -13.28
C CYS B 228 30.45 -0.32 -12.27
N PRO B 229 30.05 0.07 -11.04
CA PRO B 229 31.04 0.48 -10.04
C PRO B 229 32.00 -0.60 -9.54
N THR B 230 31.65 -1.88 -9.68
CA THR B 230 32.53 -2.96 -9.23
C THR B 230 33.44 -3.42 -10.33
N VAL B 231 33.16 -2.98 -11.56
CA VAL B 231 34.04 -3.22 -12.69
C VAL B 231 35.15 -2.16 -12.62
N GLU B 232 36.31 -2.55 -12.07
N GLU B 232 36.31 -2.58 -12.11
CA GLU B 232 37.47 -1.64 -11.91
CA GLU B 232 37.46 -1.68 -11.90
C GLU B 232 38.15 -1.42 -13.25
C GLU B 232 38.15 -1.43 -13.24
N ASP B 233 37.32 -1.10 -14.21
CA ASP B 233 37.68 -1.12 -15.60
C ASP B 233 36.89 0.03 -16.27
N ASN B 234 36.34 1.00 -15.49
CA ASN B 234 35.15 1.77 -15.89
C ASN B 234 35.24 3.28 -15.99
N GLU B 235 34.18 3.84 -16.61
CA GLU B 235 34.10 5.24 -17.01
C GLU B 235 33.31 6.11 -16.02
N LEU B 236 33.29 5.73 -14.75
CA LEU B 236 32.54 6.48 -13.75
C LEU B 236 33.42 7.50 -13.03
N PRO B 237 32.86 8.69 -12.72
CA PRO B 237 33.57 9.68 -11.94
C PRO B 237 34.04 9.11 -10.62
N GLU B 238 34.94 9.85 -9.97
CA GLU B 238 35.40 9.47 -8.65
C GLU B 238 34.35 9.94 -7.65
N GLY B 239 34.11 9.12 -6.64
CA GLY B 239 33.06 9.39 -5.67
C GLY B 239 31.72 8.77 -6.01
N VAL B 240 31.63 8.08 -7.15
CA VAL B 240 30.41 7.39 -7.60
C VAL B 240 30.48 5.88 -7.35
N LYS B 241 29.63 5.40 -6.45
CA LYS B 241 29.59 3.99 -6.07
C LYS B 241 28.32 3.27 -6.55
N CYS B 242 27.38 4.01 -7.13
CA CYS B 242 26.10 3.47 -7.58
C CYS B 242 25.51 4.29 -8.71
N VAL B 243 25.02 3.59 -9.73
CA VAL B 243 24.34 4.21 -10.86
C VAL B 243 22.94 3.60 -11.00
N TYR B 244 21.93 4.45 -11.18
CA TYR B 244 20.57 3.99 -11.51
C TYR B 244 20.14 4.67 -12.78
N GLU B 245 19.41 3.95 -13.63
CA GLU B 245 18.80 4.53 -14.81
C GLU B 245 17.30 4.59 -14.68
N ILE B 246 16.72 5.74 -15.00
CA ILE B 246 15.28 5.90 -15.14
C ILE B 246 14.98 5.87 -16.62
N VAL B 247 14.19 4.90 -17.06
CA VAL B 247 13.81 4.81 -18.48
C VAL B 247 12.34 5.18 -18.66
N ILE B 248 12.09 6.06 -19.63
CA ILE B 248 10.79 6.70 -19.79
C ILE B 248 10.25 6.43 -21.19
N ASN B 249 9.02 5.94 -21.28
CA ASN B 249 8.28 5.86 -22.55
C ASN B 249 7.11 6.82 -22.51
N GLY B 250 6.78 7.44 -23.65
CA GLY B 250 5.72 8.45 -23.68
C GLY B 250 4.91 8.49 -24.97
N LEU B 251 3.77 9.16 -24.94
CA LEU B 251 2.91 9.28 -26.13
C LEU B 251 3.63 10.02 -27.25
N ASN B 252 4.32 11.08 -26.87
N ASN B 252 4.27 11.13 -26.93
CA ASN B 252 5.14 11.87 -27.78
CA ASN B 252 5.23 11.76 -27.85
C ASN B 252 6.43 12.36 -27.10
C ASN B 252 6.42 12.34 -27.11
N GLU B 253 7.38 12.83 -27.91
CA GLU B 253 8.66 13.36 -27.42
C GLU B 253 8.52 14.44 -26.35
N GLU B 254 7.50 15.29 -26.45
N GLU B 254 7.48 15.25 -26.48
CA GLU B 254 7.34 16.36 -25.47
CA GLU B 254 7.22 16.36 -25.55
C GLU B 254 6.95 15.85 -24.09
C GLU B 254 6.94 15.84 -24.13
N ALA B 255 6.28 14.70 -24.04
CA ALA B 255 5.93 14.06 -22.76
C ALA B 255 7.16 13.42 -22.14
N VAL B 256 7.94 12.73 -22.98
CA VAL B 256 9.21 12.12 -22.53
C VAL B 256 10.19 13.18 -22.01
N LYS B 257 10.25 14.32 -22.68
CA LYS B 257 11.13 15.42 -22.27
C LYS B 257 10.72 16.02 -20.92
N GLU B 258 9.41 16.17 -20.75
CA GLU B 258 8.87 16.75 -19.52
C GLU B 258 9.13 15.83 -18.33
N ALA B 259 9.02 14.53 -18.59
CA ALA B 259 9.28 13.47 -17.64
C ALA B 259 10.74 13.45 -17.25
N MET B 260 11.61 13.50 -18.26
CA MET B 260 13.06 13.61 -18.03
C MET B 260 13.40 14.86 -17.22
N ARG B 261 12.85 15.99 -17.66
CA ARG B 261 13.10 17.26 -17.01
C ARG B 261 12.73 17.25 -15.54
N VAL B 262 11.48 16.92 -15.22
CA VAL B 262 11.02 16.97 -13.79
C VAL B 262 11.62 15.84 -12.94
N GLY B 263 11.94 14.73 -13.60
CA GLY B 263 12.68 13.62 -12.98
C GLY B 263 14.06 14.02 -12.51
N ILE B 264 14.81 14.68 -13.38
CA ILE B 264 16.17 15.09 -13.04
C ILE B 264 16.14 16.13 -11.95
N GLU B 265 15.22 17.09 -12.04
CA GLU B 265 15.07 18.14 -11.01
C GLU B 265 14.83 17.54 -9.65
N ALA B 266 13.93 16.56 -9.58
CA ALA B 266 13.59 15.90 -8.32
C ALA B 266 14.75 15.09 -7.74
N ALA B 267 15.42 14.33 -8.61
CA ALA B 267 16.65 13.64 -8.23
C ALA B 267 17.73 14.57 -7.62
N CYS B 268 18.00 15.67 -8.32
CA CYS B 268 19.03 16.63 -7.90
C CYS B 268 18.73 17.34 -6.59
N GLN B 269 17.54 17.14 -6.05
CA GLN B 269 17.19 17.69 -4.73
C GLN B 269 17.53 16.71 -3.58
N GLN B 270 17.81 15.47 -3.93
CA GLN B 270 18.10 14.46 -2.93
C GLN B 270 19.61 14.34 -2.74
N PRO B 271 20.07 14.10 -1.48
CA PRO B 271 21.51 14.09 -1.17
C PRO B 271 22.31 12.94 -1.80
N GLY B 272 23.61 13.19 -2.01
CA GLY B 272 24.56 12.16 -2.43
C GLY B 272 24.60 11.91 -3.91
N VAL B 273 23.97 12.80 -4.66
CA VAL B 273 23.96 12.68 -6.12
C VAL B 273 25.17 13.43 -6.68
N VAL B 274 25.91 12.76 -7.56
CA VAL B 274 27.17 13.27 -8.08
C VAL B 274 26.99 13.84 -9.50
N LYS B 275 26.24 13.14 -10.34
CA LYS B 275 26.18 13.50 -11.73
C LYS B 275 24.98 12.88 -12.41
N ILE B 276 24.40 13.63 -13.33
CA ILE B 276 23.27 13.18 -14.13
C ILE B 276 23.78 12.95 -15.53
N SER B 277 23.56 11.75 -16.05
CA SER B 277 23.94 11.44 -17.41
C SER B 277 22.75 10.87 -18.18
N ALA B 278 23.02 10.28 -19.33
CA ALA B 278 21.99 9.69 -20.16
C ALA B 278 22.67 8.68 -21.06
N GLY B 279 21.86 7.76 -21.60
CA GLY B 279 22.36 6.67 -22.41
C GLY B 279 21.94 6.87 -23.84
N ASN B 280 22.88 6.69 -24.75
CA ASN B 280 22.61 6.82 -26.17
C ASN B 280 23.42 5.82 -26.96
N PHE B 281 23.22 5.82 -28.28
CA PHE B 281 23.85 4.86 -29.18
C PHE B 281 24.64 5.62 -30.24
N GLY B 282 25.10 6.82 -29.87
CA GLY B 282 25.88 7.68 -30.74
C GLY B 282 25.09 8.26 -31.89
N GLY B 283 23.77 8.30 -31.75
CA GLY B 283 22.88 8.76 -32.81
C GLY B 283 22.77 7.80 -33.97
N LYS B 284 23.31 6.59 -33.81
CA LYS B 284 23.38 5.62 -34.92
C LYS B 284 22.14 4.71 -35.02
N LEU B 285 21.22 4.83 -34.07
CA LEU B 285 20.10 3.88 -33.94
C LEU B 285 18.74 4.56 -33.72
N GLY B 286 18.66 5.45 -32.74
CA GLY B 286 17.39 6.08 -32.39
C GLY B 286 16.84 7.00 -33.45
N GLN B 287 15.64 7.49 -33.20
CA GLN B 287 14.96 8.49 -34.03
C GLN B 287 14.87 9.81 -33.26
N TYR B 288 15.22 9.77 -31.98
CA TYR B 288 15.11 10.93 -31.10
C TYR B 288 16.39 11.09 -30.32
N GLU B 289 16.68 12.34 -29.95
CA GLU B 289 17.86 12.71 -29.19
C GLU B 289 17.43 13.83 -28.29
N ILE B 290 17.35 13.54 -27.00
CA ILE B 290 16.93 14.50 -26.00
C ILE B 290 18.14 14.95 -25.21
N HIS B 291 18.61 16.15 -25.50
CA HIS B 291 19.86 16.64 -24.93
C HIS B 291 19.56 17.22 -23.58
N LEU B 292 20.23 16.70 -22.56
CA LEU B 292 19.96 17.08 -21.18
C LEU B 292 20.12 18.56 -21.00
N HIS B 293 21.04 19.14 -21.81
CA HIS B 293 21.34 20.56 -21.68
C HIS B 293 20.23 21.45 -22.20
N ASP B 294 19.37 20.90 -23.04
CA ASP B 294 18.25 21.64 -23.65
C ASP B 294 17.00 21.72 -22.75
N LEU B 295 16.93 20.82 -21.76
CA LEU B 295 15.75 20.71 -20.89
C LEU B 295 15.70 21.81 -19.84
N PHE B 296 16.81 22.49 -19.60
CA PHE B 296 16.91 23.47 -18.51
C PHE B 296 17.36 24.83 -19.06
N MET C 1 -36.09 13.06 -6.79
CA MET C 1 -34.74 13.03 -7.46
C MET C 1 -34.09 11.65 -7.33
N GLU C 2 -33.45 11.23 -8.41
CA GLU C 2 -32.77 9.94 -8.47
C GLU C 2 -31.45 10.05 -9.23
N ILE C 3 -30.43 9.33 -8.75
CA ILE C 3 -29.15 9.23 -9.45
C ILE C 3 -28.87 7.76 -9.70
N ASN C 4 -28.92 7.35 -10.94
CA ASN C 4 -28.71 5.96 -11.30
C ASN C 4 -29.65 5.01 -10.55
N GLY C 5 -30.87 5.45 -10.29
CA GLY C 5 -31.90 4.64 -9.65
C GLY C 5 -31.90 4.80 -8.16
N VAL C 6 -30.99 5.60 -7.63
CA VAL C 6 -30.87 5.78 -6.18
C VAL C 6 -31.64 7.03 -5.79
N GLU C 7 -32.57 6.87 -4.83
CA GLU C 7 -33.37 7.98 -4.33
C GLU C 7 -32.47 8.94 -3.54
N ILE C 8 -32.67 10.24 -3.76
CA ILE C 8 -31.94 11.27 -3.05
C ILE C 8 -32.93 12.03 -2.18
N GLU C 9 -32.93 11.72 -0.89
CA GLU C 9 -33.88 12.36 0.03
C GLU C 9 -33.78 13.88 -0.08
N ASP C 10 -34.94 14.54 -0.07
CA ASP C 10 -35.01 15.98 0.00
C ASP C 10 -34.80 16.38 1.44
N THR C 11 -33.54 16.32 1.88
CA THR C 11 -33.18 16.75 3.23
C THR C 11 -31.88 17.54 3.13
N PHE C 12 -31.32 17.94 4.27
CA PHE C 12 -30.07 18.66 4.29
C PHE C 12 -29.10 18.13 5.33
N ALA C 13 -27.81 18.34 5.06
CA ALA C 13 -26.74 18.19 6.03
C ALA C 13 -26.62 19.52 6.74
N GLU C 14 -26.46 19.49 8.06
CA GLU C 14 -26.23 20.71 8.85
C GLU C 14 -24.80 20.73 9.38
N ALA C 15 -24.02 21.72 8.93
CA ALA C 15 -22.60 21.79 9.22
C ALA C 15 -22.29 23.01 10.08
N PHE C 16 -21.05 23.11 10.52
CA PHE C 16 -20.67 24.10 11.52
C PHE C 16 -19.39 24.83 11.18
N GLU C 17 -19.27 26.05 11.69
CA GLU C 17 -18.00 26.76 11.74
C GLU C 17 -17.04 25.97 12.61
N ALA C 18 -15.83 25.74 12.07
CA ALA C 18 -14.74 25.09 12.80
C ALA C 18 -13.42 25.71 12.41
N LYS C 19 -12.53 25.85 13.39
CA LYS C 19 -11.19 26.37 13.14
C LYS C 19 -10.35 25.28 12.47
N MET C 20 -9.56 25.69 11.50
CA MET C 20 -8.84 24.74 10.68
C MET C 20 -7.48 25.21 10.24
N ALA C 21 -6.56 24.26 10.22
CA ALA C 21 -5.21 24.51 9.74
C ALA C 21 -4.99 23.57 8.56
N ARG C 22 -4.06 23.93 7.70
CA ARG C 22 -3.73 23.11 6.51
C ARG C 22 -2.22 23.10 6.32
N VAL C 23 -1.61 21.91 6.18
CA VAL C 23 -0.16 21.74 6.30
C VAL C 23 0.30 20.95 5.09
N LEU C 24 1.37 21.38 4.45
CA LEU C 24 2.03 20.61 3.36
C LEU C 24 3.20 19.85 3.95
N ILE C 25 3.15 18.53 3.88
CA ILE C 25 4.26 17.72 4.35
C ILE C 25 5.06 17.29 3.16
N THR C 26 6.36 17.60 3.12
CA THR C 26 7.23 17.03 2.07
C THR C 26 8.21 16.03 2.71
N ALA C 27 8.84 15.22 1.87
CA ALA C 27 9.73 14.19 2.36
C ALA C 27 10.48 13.66 1.15
N ALA C 28 11.36 12.70 1.35
CA ALA C 28 12.24 12.26 0.25
C ALA C 28 11.49 11.46 -0.80
N SER C 29 10.35 10.93 -0.40
CA SER C 29 9.44 10.23 -1.30
C SER C 29 8.01 10.38 -0.82
N HIS C 30 7.08 10.08 -1.71
CA HIS C 30 5.65 10.01 -1.33
C HIS C 30 5.43 9.02 -0.19
N LYS C 31 6.15 7.90 -0.24
CA LYS C 31 6.11 6.86 0.80
C LYS C 31 6.37 7.46 2.18
N TRP C 32 7.45 8.24 2.32
CA TRP C 32 7.82 8.81 3.63
C TRP C 32 6.94 9.96 4.04
N ALA C 33 6.39 10.66 3.05
CA ALA C 33 5.44 11.71 3.30
C ALA C 33 4.19 11.10 3.93
N MET C 34 3.73 10.01 3.32
CA MET C 34 2.57 9.29 3.80
C MET C 34 2.76 8.65 5.18
N ILE C 35 3.97 8.25 5.52
CA ILE C 35 4.29 7.76 6.84
C ILE C 35 4.07 8.85 7.89
N ALA C 36 4.53 10.05 7.58
CA ALA C 36 4.39 11.20 8.49
C ALA C 36 2.95 11.64 8.61
N VAL C 37 2.30 11.71 7.47
CA VAL C 37 0.92 12.12 7.35
C VAL C 37 -0.05 11.20 8.13
N LYS C 38 0.08 9.89 7.92
CA LYS C 38 -0.77 8.90 8.61
C LYS C 38 -0.60 8.97 10.12
N GLU C 39 0.61 9.16 10.58
CA GLU C 39 0.85 9.33 12.00
C GLU C 39 0.30 10.68 12.48
N ALA C 40 0.55 11.75 11.72
CA ALA C 40 0.08 13.09 12.12
C ALA C 40 -1.43 13.24 12.12
N THR C 41 -2.12 12.56 11.22
CA THR C 41 -3.58 12.67 11.10
C THR C 41 -4.41 11.58 11.82
N GLY C 42 -3.76 10.53 12.31
CA GLY C 42 -4.43 9.46 13.03
C GLY C 42 -4.89 9.96 14.38
N PHE C 43 -5.62 9.13 15.11
CA PHE C 43 -6.37 9.53 16.32
C PHE C 43 -7.05 10.88 16.14
N GLY C 44 -7.76 11.01 15.02
CA GLY C 44 -8.32 12.32 14.62
C GLY C 44 -9.56 12.15 13.76
N THR C 45 -10.56 11.46 14.31
CA THR C 45 -11.80 11.22 13.62
C THR C 45 -12.85 12.24 14.03
N SER C 46 -12.93 12.56 15.32
CA SER C 46 -14.01 13.37 15.84
C SER C 46 -13.50 14.03 17.12
N VAL C 47 -13.92 15.26 17.39
CA VAL C 47 -13.57 15.96 18.64
C VAL C 47 -14.41 15.50 19.84
N ILE C 48 -15.34 14.57 19.61
CA ILE C 48 -16.08 13.95 20.69
C ILE C 48 -15.11 13.31 21.71
N MET C 49 -14.26 12.39 21.27
CA MET C 49 -13.25 11.81 22.15
C MET C 49 -11.84 11.69 21.56
N CYS C 50 -11.61 12.30 20.39
CA CYS C 50 -10.25 12.52 19.90
C CYS C 50 -9.82 13.95 20.19
N PRO C 51 -8.50 14.21 20.20
CA PRO C 51 -7.98 15.57 20.38
C PRO C 51 -8.11 16.48 19.16
N ALA C 52 -8.45 15.95 17.98
CA ALA C 52 -8.71 16.79 16.81
C ALA C 52 -9.46 16.02 15.74
N GLU C 53 -9.77 16.69 14.64
CA GLU C 53 -10.28 16.05 13.42
C GLU C 53 -9.30 16.37 12.33
N ALA C 54 -8.69 15.34 11.74
CA ALA C 54 -7.55 15.54 10.87
C ALA C 54 -7.62 14.56 9.73
N GLY C 55 -7.02 14.87 8.61
CA GLY C 55 -7.10 13.94 7.50
C GLY C 55 -6.29 14.43 6.34
N ILE C 56 -6.13 13.59 5.34
CA ILE C 56 -5.40 14.00 4.17
C ILE C 56 -6.32 14.84 3.30
N ASP C 57 -5.79 15.94 2.80
CA ASP C 57 -6.44 16.68 1.74
C ASP C 57 -5.93 16.17 0.38
N CYS C 58 -4.76 16.62 -0.05
CA CYS C 58 -4.20 16.21 -1.34
C CYS C 58 -3.06 15.21 -1.17
N GLY C 59 -3.30 14.01 -1.67
CA GLY C 59 -2.36 12.92 -1.48
C GLY C 59 -1.12 12.92 -2.36
N TYR C 60 -1.14 13.70 -3.43
CA TYR C 60 -0.05 13.69 -4.41
C TYR C 60 0.29 15.08 -4.92
N VAL C 61 1.06 15.85 -4.15
CA VAL C 61 1.49 17.19 -4.52
C VAL C 61 2.81 17.04 -5.26
N PRO C 62 2.87 17.47 -6.53
CA PRO C 62 4.07 17.12 -7.29
C PRO C 62 5.33 17.85 -6.76
N PRO C 63 6.49 17.19 -6.86
CA PRO C 63 7.77 17.79 -6.47
C PRO C 63 7.96 19.23 -6.95
N GLU C 64 7.68 19.49 -8.23
CA GLU C 64 7.81 20.83 -8.80
C GLU C 64 6.93 21.90 -8.14
N GLU C 65 5.86 21.50 -7.47
CA GLU C 65 4.93 22.45 -6.84
C GLU C 65 5.16 22.64 -5.35
N THR C 66 6.23 22.05 -4.80
CA THR C 66 6.58 22.25 -3.38
C THR C 66 7.78 23.20 -3.26
N PRO C 67 7.96 23.81 -2.07
CA PRO C 67 9.05 24.76 -1.86
C PRO C 67 10.45 24.17 -1.94
N ASP C 68 10.61 22.93 -1.48
CA ASP C 68 11.90 22.26 -1.49
C ASP C 68 12.04 21.36 -2.69
N GLY C 69 11.07 21.37 -3.59
CA GLY C 69 11.15 20.52 -4.78
C GLY C 69 11.03 19.02 -4.48
N ARG C 70 10.47 18.67 -3.32
CA ARG C 70 10.28 17.26 -2.97
C ARG C 70 8.81 16.83 -3.02
N PRO C 71 8.53 15.51 -3.10
CA PRO C 71 7.19 14.95 -3.02
C PRO C 71 6.43 15.43 -1.82
N GLY C 72 5.18 15.84 -2.05
CA GLY C 72 4.37 16.41 -0.98
C GLY C 72 3.00 15.78 -0.89
N VAL C 73 2.30 16.05 0.22
CA VAL C 73 0.95 15.58 0.49
C VAL C 73 0.43 16.69 1.42
N THR C 74 -0.79 17.18 1.27
CA THR C 74 -1.33 18.18 2.25
C THR C 74 -2.34 17.51 3.17
N ILE C 75 -2.39 18.01 4.41
CA ILE C 75 -3.31 17.50 5.38
C ILE C 75 -3.98 18.70 6.03
N MET C 76 -5.13 18.43 6.65
CA MET C 76 -5.88 19.44 7.33
C MET C 76 -6.15 18.92 8.72
N ILE C 77 -6.11 19.83 9.68
CA ILE C 77 -6.37 19.50 11.07
C ILE C 77 -7.36 20.55 11.53
N GLY C 78 -8.37 20.13 12.29
CA GLY C 78 -9.45 21.00 12.70
C GLY C 78 -9.88 20.74 14.13
N HIS C 79 -10.46 21.76 14.74
CA HIS C 79 -11.05 21.67 16.06
C HIS C 79 -12.07 22.78 16.12
N ASN C 80 -13.09 22.60 16.94
CA ASN C 80 -14.06 23.68 17.18
C ASN C 80 -13.49 24.86 17.98
N ASP C 81 -12.41 24.61 18.72
CA ASP C 81 -11.78 25.58 19.62
C ASP C 81 -10.40 25.92 19.07
N GLU C 82 -10.13 27.20 18.82
CA GLU C 82 -8.89 27.61 18.18
C GLU C 82 -7.67 27.32 19.05
N ASP C 83 -7.76 27.61 20.35
CA ASP C 83 -6.64 27.34 21.25
C ASP C 83 -6.24 25.86 21.23
N GLU C 84 -7.20 24.94 21.30
CA GLU C 84 -6.92 23.49 21.16
C GLU C 84 -6.38 23.11 19.80
N LEU C 85 -6.77 23.85 18.77
CA LEU C 85 -6.24 23.62 17.42
C LEU C 85 -4.75 23.93 17.32
N LYS C 86 -4.34 25.07 17.89
CA LYS C 86 -2.93 25.47 17.81
C LYS C 86 -2.06 24.44 18.56
N GLU C 87 -2.58 23.97 19.70
CA GLU C 87 -1.93 22.93 20.47
C GLU C 87 -1.82 21.61 19.69
N GLN C 88 -2.83 21.30 18.89
CA GLN C 88 -2.81 20.09 18.09
C GLN C 88 -1.89 20.20 16.89
N LEU C 89 -1.79 21.40 16.33
CA LEU C 89 -0.79 21.67 15.31
C LEU C 89 0.62 21.42 15.82
N LEU C 90 0.93 21.99 16.96
CA LEU C 90 2.24 21.84 17.57
C LEU C 90 2.53 20.41 17.96
N ASP C 91 1.53 19.75 18.55
CA ASP C 91 1.67 18.38 19.02
C ASP C 91 1.89 17.41 17.84
N ARG C 92 1.11 17.54 16.79
CA ARG C 92 1.16 16.60 15.66
C ARG C 92 2.32 16.89 14.72
N ILE C 93 2.66 18.15 14.51
CA ILE C 93 3.83 18.48 13.70
C ILE C 93 5.06 18.10 14.52
N GLY C 94 5.08 18.51 15.78
CA GLY C 94 6.21 18.28 16.66
C GLY C 94 6.54 16.83 16.98
N GLN C 95 5.51 16.00 17.20
CA GLN C 95 5.70 14.60 17.57
C GLN C 95 5.60 13.64 16.41
N CYS C 96 4.97 14.05 15.31
CA CYS C 96 4.71 13.13 14.19
C CYS C 96 5.37 13.49 12.88
N VAL C 97 5.63 14.77 12.65
CA VAL C 97 6.26 15.20 11.40
C VAL C 97 7.72 15.50 11.65
N MET C 98 8.03 16.12 12.78
CA MET C 98 9.41 16.38 13.12
C MET C 98 10.21 15.10 13.31
N THR C 99 9.58 14.10 13.92
CA THR C 99 10.22 12.82 14.25
C THR C 99 10.31 11.87 13.04
N ALA C 100 9.56 12.16 11.98
CA ALA C 100 9.45 11.24 10.83
C ALA C 100 10.55 11.43 9.80
N PRO C 101 11.17 10.32 9.36
CA PRO C 101 12.26 10.48 8.41
C PRO C 101 11.96 11.39 7.22
N THR C 102 12.91 12.28 6.94
CA THR C 102 12.94 13.20 5.80
C THR C 102 11.84 14.24 5.70
N ALA C 103 10.83 14.19 6.56
CA ALA C 103 9.65 15.06 6.44
C ALA C 103 9.85 16.51 6.88
N SER C 104 9.38 17.45 6.05
CA SER C 104 9.33 18.86 6.42
C SER C 104 7.87 19.25 6.51
N ALA C 105 7.58 20.34 7.23
CA ALA C 105 6.23 20.88 7.34
C ALA C 105 6.17 22.33 6.87
N PHE C 106 5.44 22.57 5.77
CA PHE C 106 5.15 23.93 5.34
C PHE C 106 3.68 24.28 5.41
N ASP C 107 3.39 25.56 5.53
CA ASP C 107 1.99 26.04 5.56
C ASP C 107 1.33 25.84 4.21
N ALA C 108 0.07 25.39 4.23
CA ALA C 108 -0.67 25.24 2.99
C ALA C 108 -2.07 25.80 3.08
N MET C 109 -2.28 26.72 4.01
CA MET C 109 -3.53 27.47 4.09
C MET C 109 -3.55 28.54 3.00
N PRO C 110 -4.54 28.47 2.08
CA PRO C 110 -4.59 29.47 1.01
C PRO C 110 -4.68 30.88 1.59
N GLU C 111 -4.09 31.84 0.88
CA GLU C 111 -4.03 33.24 1.33
C GLU C 111 -5.46 33.77 1.58
N ALA C 112 -6.36 33.46 0.66
CA ALA C 112 -7.75 33.92 0.74
C ALA C 112 -8.47 33.47 2.01
N GLU C 113 -8.08 32.31 2.55
CA GLU C 113 -8.76 31.71 3.70
C GLU C 113 -8.16 32.13 5.02
N LYS C 114 -6.96 32.69 4.99
CA LYS C 114 -6.26 33.01 6.22
C LYS C 114 -6.97 34.09 7.01
N GLU C 115 -7.18 33.80 8.29
CA GLU C 115 -7.69 34.79 9.23
C GLU C 115 -6.64 35.05 10.32
N ASP C 116 -6.07 33.98 10.88
CA ASP C 116 -5.13 34.08 11.98
C ASP C 116 -3.85 33.32 11.69
N GLU C 117 -2.85 33.56 12.54
CA GLU C 117 -1.56 32.90 12.41
C GLU C 117 -1.23 32.10 13.65
N ASP C 118 -0.47 31.04 13.43
CA ASP C 118 0.06 30.24 14.51
C ASP C 118 1.50 29.94 14.18
N ARG C 119 2.40 30.44 15.03
CA ARG C 119 3.84 30.35 14.79
C ARG C 119 4.36 29.02 15.29
N VAL C 120 3.95 27.94 14.63
CA VAL C 120 4.29 26.59 15.03
C VAL C 120 5.77 26.34 14.83
N GLY C 121 6.31 26.79 13.70
CA GLY C 121 7.72 26.64 13.42
C GLY C 121 8.56 27.38 14.44
N TYR C 122 8.16 28.59 14.75
CA TYR C 122 8.88 29.39 15.73
C TYR C 122 8.93 28.64 17.06
N LYS C 123 7.77 28.12 17.47
CA LYS C 123 7.61 27.40 18.73
C LYS C 123 8.43 26.10 18.71
N LEU C 124 8.41 25.40 17.58
CA LEU C 124 9.15 24.14 17.47
C LEU C 124 10.66 24.38 17.51
N SER C 125 11.09 25.52 16.97
CA SER C 125 12.52 25.82 16.79
C SER C 125 13.34 25.81 18.08
N PHE C 126 12.71 26.08 19.22
CA PHE C 126 13.38 26.00 20.50
C PHE C 126 13.94 24.60 20.83
N PHE C 127 13.36 23.55 20.22
CA PHE C 127 13.90 22.19 20.27
C PHE C 127 15.38 22.16 19.86
N GLY C 128 15.77 23.06 18.97
CA GLY C 128 17.15 23.17 18.48
C GLY C 128 18.18 23.63 19.52
N ASP C 129 17.71 24.05 20.70
CA ASP C 129 18.57 24.34 21.85
C ASP C 129 19.69 25.32 21.53
N GLY C 130 19.35 26.39 20.82
CA GLY C 130 20.30 27.43 20.48
C GLY C 130 20.89 27.26 19.10
N TYR C 131 20.87 26.04 18.57
CA TYR C 131 21.44 25.78 17.24
C TYR C 131 20.49 26.00 16.04
N GLN C 132 19.23 26.34 16.29
CA GLN C 132 18.25 26.60 15.22
C GLN C 132 18.61 27.88 14.41
N GLU C 133 18.49 27.80 13.08
CA GLU C 133 18.68 28.94 12.16
C GLU C 133 17.35 29.30 11.46
N GLU C 134 16.97 30.57 11.54
CA GLU C 134 15.91 31.08 10.67
C GLU C 134 16.48 31.21 9.26
N ASP C 135 15.68 30.99 8.24
CA ASP C 135 16.16 31.05 6.87
C ASP C 135 15.00 31.29 5.91
N GLU C 136 15.28 31.64 4.66
CA GLU C 136 14.24 31.78 3.67
C GLU C 136 14.29 30.61 2.70
N LEU C 137 13.14 30.00 2.45
CA LEU C 137 13.01 28.96 1.43
C LEU C 137 11.86 29.30 0.48
N ASP C 138 12.18 29.35 -0.82
CA ASP C 138 11.33 29.96 -1.85
C ASP C 138 10.36 31.03 -1.34
N GLY C 139 10.90 32.04 -0.69
CA GLY C 139 10.09 33.16 -0.26
C GLY C 139 9.32 32.91 1.02
N ARG C 140 9.57 31.76 1.64
CA ARG C 140 8.94 31.41 2.90
C ARG C 140 9.94 31.47 4.06
N LYS C 141 9.47 31.97 5.20
CA LYS C 141 10.26 32.01 6.40
C LYS C 141 10.17 30.69 7.15
N VAL C 142 11.27 29.93 7.13
CA VAL C 142 11.35 28.63 7.80
C VAL C 142 12.38 28.66 8.92
N TRP C 143 12.30 27.65 9.77
CA TRP C 143 13.30 27.35 10.77
C TRP C 143 13.98 26.01 10.49
N LYS C 144 15.32 26.06 10.38
CA LYS C 144 16.14 24.87 10.20
C LYS C 144 16.59 24.37 11.57
N ILE C 145 15.94 23.30 12.05
CA ILE C 145 16.15 22.76 13.38
C ILE C 145 17.10 21.57 13.29
N PRO C 146 18.25 21.65 13.98
CA PRO C 146 19.16 20.50 13.92
C PRO C 146 18.60 19.31 14.67
N VAL C 147 18.61 18.16 13.99
CA VAL C 147 18.06 16.93 14.55
C VAL C 147 19.06 15.86 14.20
N VAL C 148 18.95 14.70 14.85
CA VAL C 148 19.98 13.66 14.69
C VAL C 148 20.06 13.17 13.25
N GLU C 149 18.98 13.28 12.51
CA GLU C 149 18.97 12.91 11.09
C GLU C 149 19.69 13.90 10.21
N GLY C 150 19.73 15.14 10.66
CA GLY C 150 20.20 16.24 9.83
C GLY C 150 19.46 17.49 10.27
N GLU C 151 18.47 17.90 9.49
CA GLU C 151 17.67 19.09 9.84
C GLU C 151 16.17 18.85 9.70
N PHE C 152 15.39 19.49 10.57
CA PHE C 152 13.95 19.57 10.39
C PHE C 152 13.60 20.95 9.91
N ILE C 153 13.02 21.01 8.71
CA ILE C 153 12.58 22.27 8.14
C ILE C 153 11.09 22.45 8.42
N VAL C 154 10.74 23.56 9.06
CA VAL C 154 9.36 23.86 9.35
C VAL C 154 9.11 25.34 9.15
N GLU C 155 8.00 25.67 8.52
CA GLU C 155 7.66 27.07 8.24
C GLU C 155 7.39 27.77 9.57
N ASP C 156 7.78 29.03 9.67
CA ASP C 156 7.59 29.80 10.91
C ASP C 156 6.14 29.83 11.41
N SER C 157 5.23 30.23 10.52
CA SER C 157 3.81 30.35 10.86
C SER C 157 2.91 29.58 9.91
N PHE C 158 1.80 29.12 10.48
CA PHE C 158 0.76 28.40 9.77
C PHE C 158 -0.55 29.17 9.86
N GLY C 159 -1.22 29.30 8.71
CA GLY C 159 -2.47 30.03 8.63
C GLY C 159 -3.61 29.20 9.18
N ILE C 160 -4.46 29.86 9.97
CA ILE C 160 -5.69 29.26 10.46
C ILE C 160 -6.86 30.00 9.78
N THR C 161 -7.94 29.26 9.58
CA THR C 161 -9.14 29.79 9.01
C THR C 161 -10.32 29.29 9.81
N THR C 162 -11.48 29.89 9.60
CA THR C 162 -12.73 29.33 10.06
C THR C 162 -13.24 28.57 8.84
N GLY C 163 -13.24 27.26 8.94
CA GLY C 163 -13.74 26.40 7.87
C GLY C 163 -15.07 25.81 8.26
N VAL C 164 -15.41 24.70 7.62
CA VAL C 164 -16.69 24.02 7.80
C VAL C 164 -16.44 22.58 8.23
N ALA C 165 -17.01 22.22 9.39
CA ALA C 165 -16.97 20.85 9.89
C ALA C 165 -18.39 20.26 9.88
N GLY C 166 -18.51 19.00 9.50
CA GLY C 166 -19.77 18.27 9.67
C GLY C 166 -20.61 18.09 8.42
N GLY C 167 -20.15 18.54 7.27
CA GLY C 167 -20.86 18.18 6.06
C GLY C 167 -21.02 16.68 6.09
N ASN C 168 -22.11 16.15 5.55
CA ASN C 168 -22.31 14.72 5.59
C ASN C 168 -23.37 14.23 4.64
N PHE C 169 -23.32 12.93 4.42
CA PHE C 169 -24.44 12.24 3.84
C PHE C 169 -24.41 10.78 4.31
N TYR C 170 -25.56 10.12 4.27
CA TYR C 170 -25.69 8.73 4.62
C TYR C 170 -25.91 7.93 3.36
N ILE C 171 -25.30 6.76 3.30
CA ILE C 171 -25.51 5.79 2.23
C ILE C 171 -26.30 4.65 2.83
N MET C 172 -27.49 4.38 2.28
CA MET C 172 -28.38 3.32 2.76
C MET C 172 -28.46 2.22 1.73
N ALA C 173 -27.95 1.03 2.07
CA ALA C 173 -27.75 0.00 1.04
C ALA C 173 -28.42 -1.31 1.39
N GLU C 174 -28.54 -2.19 0.39
CA GLU C 174 -29.17 -3.51 0.57
C GLU C 174 -28.37 -4.47 1.45
N SER C 175 -27.09 -4.20 1.65
CA SER C 175 -26.25 -5.02 2.51
C SER C 175 -25.06 -4.17 3.05
N GLN C 176 -24.30 -4.72 4.00
N GLN C 176 -24.30 -4.73 4.00
CA GLN C 176 -23.06 -4.08 4.45
CA GLN C 176 -23.05 -4.12 4.48
C GLN C 176 -22.02 -4.06 3.33
C GLN C 176 -22.02 -4.07 3.35
N PRO C 177 -21.76 -5.21 2.69
CA PRO C 177 -20.85 -5.17 1.55
C PRO C 177 -21.19 -4.09 0.49
N ALA C 178 -22.45 -3.99 0.11
CA ALA C 178 -22.86 -3.00 -0.89
C ALA C 178 -22.72 -1.61 -0.32
N GLY C 179 -23.03 -1.44 0.95
CA GLY C 179 -22.87 -0.12 1.56
C GLY C 179 -21.45 0.35 1.53
N LEU C 180 -20.52 -0.53 1.85
CA LEU C 180 -19.14 -0.15 1.97
C LEU C 180 -18.47 -0.02 0.61
N GLN C 181 -18.87 -0.84 -0.37
CA GLN C 181 -18.37 -0.63 -1.74
C GLN C 181 -18.72 0.76 -2.29
N ALA C 182 -19.98 1.16 -2.12
CA ALA C 182 -20.44 2.50 -2.49
C ALA C 182 -19.70 3.61 -1.70
N ALA C 183 -19.53 3.38 -0.42
CA ALA C 183 -18.88 4.36 0.45
C ALA C 183 -17.41 4.58 0.06
N GLU C 184 -16.67 3.52 -0.24
CA GLU C 184 -15.28 3.71 -0.64
C GLU C 184 -15.14 4.47 -1.95
N ALA C 185 -15.97 4.13 -2.94
CA ALA C 185 -16.08 4.90 -4.19
C ALA C 185 -16.33 6.38 -3.89
N ALA C 186 -17.30 6.62 -3.03
CA ALA C 186 -17.54 7.98 -2.59
C ALA C 186 -16.20 8.59 -2.21
N VAL C 187 -15.49 7.94 -1.29
CA VAL C 187 -14.27 8.53 -0.72
C VAL C 187 -13.19 8.76 -1.76
N ASP C 188 -13.06 7.86 -2.73
CA ASP C 188 -12.10 8.08 -3.79
C ASP C 188 -12.43 9.38 -4.51
N ALA C 189 -13.71 9.64 -4.72
CA ALA C 189 -14.15 10.87 -5.35
C ALA C 189 -13.81 12.06 -4.51
N ILE C 190 -14.11 11.99 -3.23
CA ILE C 190 -13.83 13.08 -2.29
C ILE C 190 -12.32 13.34 -2.14
N LYS C 191 -11.51 12.30 -2.29
CA LYS C 191 -10.06 12.46 -2.26
C LYS C 191 -9.60 13.56 -3.20
N GLY C 192 -10.19 13.58 -4.38
CA GLY C 192 -9.90 14.57 -5.42
C GLY C 192 -10.45 15.99 -5.26
N VAL C 193 -11.19 16.24 -4.21
CA VAL C 193 -11.68 17.58 -3.96
C VAL C 193 -10.73 18.36 -3.07
N GLU C 194 -10.08 19.39 -3.62
CA GLU C 194 -9.10 20.17 -2.86
C GLU C 194 -9.76 21.01 -1.75
N GLY C 195 -9.19 20.94 -0.56
CA GLY C 195 -9.68 21.69 0.59
C GLY C 195 -10.74 20.99 1.41
N ALA C 196 -11.01 19.73 1.04
CA ALA C 196 -11.94 18.89 1.80
C ALA C 196 -11.27 17.59 2.21
N TYR C 197 -11.58 17.18 3.43
CA TYR C 197 -11.15 15.88 3.93
C TYR C 197 -12.27 15.17 4.71
N ALA C 198 -12.15 13.85 4.80
CA ALA C 198 -13.07 13.00 5.53
C ALA C 198 -12.30 12.39 6.67
N PRO C 199 -12.52 12.88 7.91
CA PRO C 199 -11.63 12.46 8.97
C PRO C 199 -11.76 11.03 9.50
N PHE C 200 -12.89 10.36 9.30
CA PHE C 200 -13.12 9.03 9.86
C PHE C 200 -12.30 7.93 9.15
N PRO C 201 -12.20 6.74 9.77
CA PRO C 201 -11.33 5.68 9.23
C PRO C 201 -11.74 5.30 7.83
N GLY C 202 -10.84 5.55 6.87
CA GLY C 202 -11.13 5.33 5.46
C GLY C 202 -12.07 6.35 4.87
N GLY C 203 -12.40 7.36 5.68
CA GLY C 203 -13.33 8.43 5.31
C GLY C 203 -14.75 8.18 5.77
N ILE C 204 -14.97 7.03 6.44
CA ILE C 204 -16.29 6.43 6.65
C ILE C 204 -16.62 6.19 8.12
N VAL C 205 -17.87 6.47 8.46
CA VAL C 205 -18.40 6.31 9.81
C VAL C 205 -19.31 5.09 9.78
N ALA C 206 -18.86 4.00 10.42
CA ALA C 206 -19.65 2.79 10.53
C ALA C 206 -20.64 2.88 11.69
N SER C 207 -20.49 3.92 12.50
CA SER C 207 -21.28 4.08 13.70
C SER C 207 -21.69 5.54 13.96
N ALA C 208 -22.49 6.10 13.06
CA ALA C 208 -23.01 7.45 13.23
C ALA C 208 -23.71 7.66 14.58
N SER C 209 -23.63 8.91 15.03
CA SER C 209 -24.09 9.32 16.36
C SER C 209 -25.11 10.44 16.34
N LYS C 210 -25.74 10.64 17.50
CA LYS C 210 -26.68 11.72 17.72
C LYS C 210 -26.28 12.51 18.98
N VAL C 211 -26.77 13.73 19.09
CA VAL C 211 -26.49 14.56 20.26
C VAL C 211 -27.05 13.83 21.45
N GLY C 212 -26.25 13.74 22.51
CA GLY C 212 -26.71 13.20 23.78
C GLY C 212 -27.13 11.74 23.77
N SER C 213 -28.08 11.42 24.65
CA SER C 213 -28.49 10.05 24.92
C SER C 213 -29.88 10.02 25.54
N LYS C 214 -30.65 9.00 25.20
CA LYS C 214 -31.95 8.77 25.84
C LYS C 214 -31.82 8.29 27.30
N GLN C 215 -30.91 7.34 27.54
CA GLN C 215 -30.83 6.69 28.87
C GLN C 215 -29.77 7.26 29.84
N TYR C 216 -28.71 7.88 29.28
CA TYR C 216 -27.45 8.12 30.02
C TYR C 216 -27.03 9.60 30.03
N ASP C 217 -27.04 10.23 31.20
CA ASP C 217 -26.73 11.67 31.35
C ASP C 217 -25.27 12.06 31.15
N PHE C 218 -24.37 11.07 31.21
CA PHE C 218 -22.92 11.33 31.10
C PHE C 218 -22.38 11.36 29.66
N LEU C 219 -23.25 11.12 28.68
CA LEU C 219 -22.84 10.96 27.29
C LEU C 219 -23.16 12.23 26.50
N PRO C 220 -22.16 12.79 25.79
CA PRO C 220 -22.41 13.90 24.87
C PRO C 220 -22.76 13.43 23.45
N ALA C 221 -22.62 12.14 23.19
CA ALA C 221 -23.06 11.53 21.93
C ALA C 221 -23.39 10.07 22.17
N SER C 222 -24.27 9.53 21.34
CA SER C 222 -24.62 8.11 21.42
C SER C 222 -25.10 7.65 20.06
N THR C 223 -25.47 6.38 19.96
CA THR C 223 -25.75 5.80 18.66
C THR C 223 -26.97 6.47 18.02
N ASN C 224 -26.93 6.65 16.69
CA ASN C 224 -28.11 7.05 15.93
C ASN C 224 -29.03 5.85 15.71
N ASP C 225 -29.77 5.46 16.75
CA ASP C 225 -30.61 4.24 16.73
C ASP C 225 -31.69 4.19 15.63
N ALA C 226 -32.15 5.35 15.19
CA ALA C 226 -33.11 5.46 14.10
C ALA C 226 -32.59 4.84 12.79
N TYR C 227 -31.28 4.85 12.57
CA TYR C 227 -30.68 4.23 11.38
C TYR C 227 -29.90 2.94 11.68
N CYS C 228 -30.15 2.32 12.82
CA CYS C 228 -29.55 1.02 13.13
C CYS C 228 -30.38 -0.15 12.58
N PRO C 229 -29.84 -0.92 11.62
CA PRO C 229 -30.66 -2.00 11.04
C PRO C 229 -31.13 -3.05 12.06
N THR C 230 -30.35 -3.29 13.11
CA THR C 230 -30.70 -4.32 14.08
C THR C 230 -31.59 -3.80 15.23
N VAL C 231 -31.82 -2.47 15.29
CA VAL C 231 -32.75 -1.87 16.27
C VAL C 231 -34.18 -2.00 15.77
N GLU C 232 -35.04 -2.62 16.58
CA GLU C 232 -36.41 -3.01 16.18
C GLU C 232 -37.32 -1.88 15.68
N ASP C 233 -37.17 -0.71 16.26
CA ASP C 233 -38.04 0.44 15.97
C ASP C 233 -37.37 1.47 15.03
N ASN C 234 -36.51 1.01 14.13
CA ASN C 234 -35.73 1.95 13.31
C ASN C 234 -36.56 2.70 12.26
N GLU C 235 -36.00 3.78 11.73
CA GLU C 235 -36.65 4.58 10.71
C GLU C 235 -36.03 4.34 9.34
N LEU C 236 -35.70 3.08 9.07
CA LEU C 236 -35.04 2.72 7.81
C LEU C 236 -36.04 2.10 6.85
N PRO C 237 -35.90 2.40 5.55
CA PRO C 237 -36.68 1.66 4.59
C PRO C 237 -36.54 0.16 4.82
N GLU C 238 -37.59 -0.60 4.54
CA GLU C 238 -37.42 -2.03 4.40
C GLU C 238 -36.44 -2.17 3.26
N GLY C 239 -35.62 -3.21 3.31
CA GLY C 239 -34.64 -3.42 2.22
C GLY C 239 -33.34 -2.65 2.38
N VAL C 240 -33.26 -1.78 3.39
CA VAL C 240 -31.99 -1.22 3.85
C VAL C 240 -31.48 -2.05 5.02
N LYS C 241 -30.40 -2.79 4.79
CA LYS C 241 -29.73 -3.62 5.80
C LYS C 241 -28.42 -2.99 6.35
N CYS C 242 -27.96 -1.90 5.74
CA CYS C 242 -26.75 -1.18 6.19
C CYS C 242 -26.80 0.33 5.90
N VAL C 243 -26.32 1.10 6.86
CA VAL C 243 -26.14 2.53 6.65
C VAL C 243 -24.69 2.90 6.95
N TYR C 244 -24.11 3.76 6.11
CA TYR C 244 -22.81 4.37 6.38
C TYR C 244 -22.98 5.86 6.29
N GLU C 245 -22.24 6.61 7.10
CA GLU C 245 -22.17 8.04 6.97
C GLU C 245 -20.79 8.42 6.46
N ILE C 246 -20.74 9.34 5.51
CA ILE C 246 -19.49 10.00 5.14
C ILE C 246 -19.53 11.39 5.76
N VAL C 247 -18.54 11.74 6.58
CA VAL C 247 -18.45 13.09 7.15
C VAL C 247 -17.29 13.90 6.57
N ILE C 248 -17.59 15.11 6.12
CA ILE C 248 -16.65 15.95 5.41
C ILE C 248 -16.41 17.26 6.15
N ASN C 249 -15.13 17.61 6.31
CA ASN C 249 -14.74 18.94 6.78
C ASN C 249 -14.01 19.63 5.67
N GLY C 250 -14.03 20.95 5.64
CA GLY C 250 -13.32 21.67 4.59
C GLY C 250 -12.95 23.09 4.93
N LEU C 251 -12.16 23.70 4.07
CA LEU C 251 -11.75 25.11 4.22
C LEU C 251 -12.90 26.07 4.06
N ASN C 252 -13.82 25.76 3.15
CA ASN C 252 -15.01 26.59 2.95
C ASN C 252 -16.25 25.72 2.78
N GLU C 253 -17.40 26.35 2.57
CA GLU C 253 -18.63 25.62 2.37
C GLU C 253 -18.62 24.97 1.00
N GLU C 254 -18.06 25.66 0.01
CA GLU C 254 -18.03 25.11 -1.35
C GLU C 254 -17.26 23.80 -1.45
N ALA C 255 -16.16 23.68 -0.71
CA ALA C 255 -15.34 22.45 -0.78
C ALA C 255 -16.13 21.29 -0.23
N VAL C 256 -16.86 21.53 0.84
CA VAL C 256 -17.69 20.53 1.48
C VAL C 256 -18.87 20.14 0.60
N LYS C 257 -19.49 21.14 -0.01
CA LYS C 257 -20.60 20.94 -0.93
C LYS C 257 -20.13 20.13 -2.12
N GLU C 258 -18.97 20.49 -2.64
CA GLU C 258 -18.37 19.79 -3.77
C GLU C 258 -18.04 18.32 -3.43
N ALA C 259 -17.50 18.10 -2.24
CA ALA C 259 -17.19 16.76 -1.74
C ALA C 259 -18.43 15.87 -1.63
N MET C 260 -19.48 16.40 -1.00
CA MET C 260 -20.78 15.73 -0.92
C MET C 260 -21.34 15.45 -2.29
N ARG C 261 -21.19 16.40 -3.20
CA ARG C 261 -21.71 16.23 -4.54
C ARG C 261 -21.03 15.08 -5.22
N VAL C 262 -19.71 15.18 -5.37
CA VAL C 262 -18.98 14.14 -6.11
C VAL C 262 -18.98 12.80 -5.40
N GLY C 263 -19.03 12.83 -4.05
CA GLY C 263 -19.13 11.62 -3.24
C GLY C 263 -20.44 10.88 -3.40
N ILE C 264 -21.55 11.61 -3.39
CA ILE C 264 -22.86 11.03 -3.63
C ILE C 264 -22.91 10.43 -5.02
N GLU C 265 -22.46 11.18 -6.02
CA GLU C 265 -22.55 10.70 -7.40
C GLU C 265 -21.79 9.40 -7.58
N ALA C 266 -20.59 9.35 -7.00
CA ALA C 266 -19.78 8.13 -7.00
C ALA C 266 -20.43 6.93 -6.30
N ALA C 267 -21.04 7.18 -5.15
CA ALA C 267 -21.72 6.13 -4.41
C ALA C 267 -22.83 5.47 -5.24
N CYS C 268 -23.63 6.31 -5.86
CA CYS C 268 -24.85 5.88 -6.58
C CYS C 268 -24.54 5.04 -7.81
N GLN C 269 -23.28 4.96 -8.22
CA GLN C 269 -22.89 4.11 -9.35
C GLN C 269 -22.61 2.69 -8.90
N GLN C 270 -22.52 2.49 -7.58
CA GLN C 270 -22.22 1.17 -7.06
C GLN C 270 -23.53 0.44 -6.77
N PRO C 271 -23.56 -0.89 -7.03
CA PRO C 271 -24.79 -1.69 -6.94
C PRO C 271 -25.27 -1.92 -5.51
N GLY C 272 -26.58 -1.91 -5.29
CA GLY C 272 -27.17 -2.25 -3.98
C GLY C 272 -27.45 -1.07 -3.06
N VAL C 273 -27.36 0.12 -3.63
CA VAL C 273 -27.62 1.34 -2.88
C VAL C 273 -29.09 1.69 -3.08
N VAL C 274 -29.77 1.99 -1.98
CA VAL C 274 -31.21 2.23 -2.01
C VAL C 274 -31.51 3.72 -1.92
N LYS C 275 -30.81 4.41 -1.03
CA LYS C 275 -31.15 5.77 -0.70
C LYS C 275 -29.93 6.55 -0.22
N ILE C 276 -29.93 7.85 -0.48
CA ILE C 276 -28.94 8.78 0.03
C ILE C 276 -29.71 9.75 0.88
N SER C 277 -29.26 9.92 2.12
CA SER C 277 -29.85 10.89 3.03
C SER C 277 -28.75 11.80 3.64
N ALA C 278 -29.09 12.53 4.70
CA ALA C 278 -28.11 13.36 5.38
C ALA C 278 -28.59 13.66 6.76
N GLY C 279 -27.69 14.11 7.61
CA GLY C 279 -28.00 14.37 9.01
C GLY C 279 -28.01 15.85 9.30
N ASN C 280 -28.98 16.27 10.10
CA ASN C 280 -29.07 17.65 10.53
C ASN C 280 -29.69 17.70 11.91
N PHE C 281 -29.75 18.89 12.49
CA PHE C 281 -30.32 19.07 13.82
C PHE C 281 -31.52 20.02 13.77
N GLY C 282 -32.28 19.94 12.66
CA GLY C 282 -33.48 20.73 12.47
C GLY C 282 -33.25 22.06 11.75
N GLY C 283 -32.00 22.36 11.45
CA GLY C 283 -31.64 23.65 10.87
C GLY C 283 -31.53 24.78 11.88
N LYS C 284 -31.54 24.46 13.17
CA LYS C 284 -31.48 25.48 14.22
C LYS C 284 -30.05 25.81 14.67
N LEU C 285 -29.22 24.78 14.84
CA LEU C 285 -27.88 24.93 15.46
C LEU C 285 -26.80 25.42 14.50
N GLY C 286 -26.70 24.75 13.36
CA GLY C 286 -25.60 24.94 12.43
C GLY C 286 -25.68 26.20 11.61
N GLN C 287 -24.54 26.52 11.01
CA GLN C 287 -24.36 27.78 10.29
C GLN C 287 -24.50 27.56 8.81
N TYR C 288 -24.47 26.28 8.43
CA TYR C 288 -24.56 25.87 7.05
C TYR C 288 -25.58 24.77 6.98
N GLU C 289 -26.44 24.86 5.98
CA GLU C 289 -27.52 23.90 5.79
C GLU C 289 -27.45 23.53 4.32
N ILE C 290 -26.91 22.35 4.04
CA ILE C 290 -26.61 21.96 2.67
C ILE C 290 -27.66 20.96 2.18
N HIS C 291 -28.57 21.44 1.32
CA HIS C 291 -29.69 20.64 0.86
C HIS C 291 -29.23 19.78 -0.29
N LEU C 292 -29.48 18.49 -0.18
CA LEU C 292 -28.93 17.54 -1.15
C LEU C 292 -29.41 17.85 -2.55
N HIS C 293 -30.68 18.23 -2.67
CA HIS C 293 -31.26 18.50 -3.98
C HIS C 293 -30.61 19.68 -4.67
N ASP C 294 -30.18 20.67 -3.88
CA ASP C 294 -29.44 21.80 -4.41
C ASP C 294 -28.06 21.46 -4.98
N LEU C 295 -27.54 20.25 -4.70
CA LEU C 295 -26.23 19.85 -5.22
C LEU C 295 -26.30 19.41 -6.67
N PHE C 296 -27.41 18.77 -7.03
CA PHE C 296 -27.58 18.19 -8.36
C PHE C 296 -28.77 18.87 -9.05
N MET D 1 33.19 -5.55 19.42
CA MET D 1 32.18 -6.33 18.66
C MET D 1 31.83 -5.65 17.35
N GLU D 2 31.66 -6.47 16.32
N GLU D 2 31.68 -6.46 16.30
CA GLU D 2 31.39 -6.02 14.96
CA GLU D 2 31.36 -5.95 14.98
C GLU D 2 30.29 -6.92 14.42
C GLU D 2 30.40 -6.91 14.25
N ILE D 3 29.36 -6.36 13.64
CA ILE D 3 28.38 -7.15 12.88
C ILE D 3 28.42 -6.66 11.45
N ASN D 4 28.88 -7.53 10.55
CA ASN D 4 29.03 -7.20 9.15
C ASN D 4 29.87 -5.95 8.93
N GLY D 5 30.89 -5.78 9.76
CA GLY D 5 31.79 -4.65 9.66
C GLY D 5 31.32 -3.46 10.45
N VAL D 6 30.14 -3.56 11.06
CA VAL D 6 29.55 -2.43 11.79
C VAL D 6 29.88 -2.58 13.27
N GLU D 7 30.49 -1.53 13.83
CA GLU D 7 30.86 -1.51 15.24
C GLU D 7 29.61 -1.44 16.12
N ILE D 8 29.61 -2.24 17.18
CA ILE D 8 28.54 -2.27 18.15
C ILE D 8 29.06 -1.71 19.48
N GLU D 9 28.72 -0.46 19.77
CA GLU D 9 29.21 0.17 20.97
C GLU D 9 28.88 -0.67 22.20
N ASP D 10 29.85 -0.79 23.11
CA ASP D 10 29.62 -1.42 24.39
C ASP D 10 28.89 -0.45 25.27
N THR D 11 27.59 -0.30 25.03
CA THR D 11 26.77 0.56 25.87
C THR D 11 25.45 -0.14 26.11
N PHE D 12 24.50 0.55 26.73
CA PHE D 12 23.18 0.00 26.98
C PHE D 12 22.04 0.98 26.70
N ALA D 13 20.88 0.40 26.36
CA ALA D 13 19.62 1.13 26.33
C ALA D 13 19.04 1.07 27.72
N GLU D 14 18.45 2.18 28.17
CA GLU D 14 17.79 2.21 29.46
C GLU D 14 16.28 2.41 29.31
N ALA D 15 15.53 1.37 29.67
CA ALA D 15 14.11 1.31 29.41
C ALA D 15 13.34 1.39 30.72
N PHE D 16 12.02 1.52 30.62
CA PHE D 16 11.19 1.81 31.78
C PHE D 16 9.95 0.92 31.85
N GLU D 17 9.48 0.72 33.07
CA GLU D 17 8.15 0.16 33.28
C GLU D 17 7.13 1.10 32.67
N ALA D 18 6.19 0.54 31.90
CA ALA D 18 5.08 1.29 31.34
C ALA D 18 3.83 0.42 31.27
N LYS D 19 2.69 1.02 31.55
CA LYS D 19 1.42 0.30 31.47
C LYS D 19 1.03 0.13 30.00
N MET D 20 0.54 -1.06 29.66
CA MET D 20 0.28 -1.44 28.30
C MET D 20 -0.94 -2.30 28.09
N ALA D 21 -1.63 -2.01 26.99
CA ALA D 21 -2.76 -2.77 26.60
C ALA D 21 -2.42 -3.38 25.21
N ARG D 22 -3.11 -4.45 24.86
CA ARG D 22 -2.90 -5.11 23.54
C ARG D 22 -4.24 -5.57 22.99
N VAL D 23 -4.55 -5.23 21.72
CA VAL D 23 -5.91 -5.27 21.19
C VAL D 23 -5.82 -6.01 19.86
N LEU D 24 -6.74 -6.92 19.61
CA LEU D 24 -6.89 -7.57 18.30
C LEU D 24 -8.04 -6.90 17.57
N ILE D 25 -7.73 -6.33 16.42
CA ILE D 25 -8.73 -5.71 15.60
C ILE D 25 -9.02 -6.65 14.47
N THR D 26 -10.28 -7.06 14.31
CA THR D 26 -10.64 -7.84 13.11
C THR D 26 -11.55 -7.00 12.23
N ALA D 27 -11.74 -7.44 11.00
CA ALA D 27 -12.52 -6.67 10.08
C ALA D 27 -12.76 -7.54 8.84
N ALA D 28 -13.50 -7.06 7.87
CA ALA D 28 -13.91 -7.92 6.76
C ALA D 28 -12.76 -8.31 5.87
N SER D 29 -11.70 -7.51 5.95
CA SER D 29 -10.45 -7.76 5.23
C SER D 29 -9.29 -7.13 5.98
N HIS D 30 -8.07 -7.54 5.62
N HIS D 30 -8.09 -7.61 5.65
CA HIS D 30 -6.87 -6.95 6.21
CA HIS D 30 -6.83 -6.98 6.06
C HIS D 30 -6.74 -5.48 5.84
C HIS D 30 -6.90 -5.49 5.89
N LYS D 31 -7.26 -5.09 4.67
CA LYS D 31 -7.33 -3.68 4.28
C LYS D 31 -8.10 -2.84 5.31
N TRP D 32 -9.30 -3.28 5.68
CA TRP D 32 -10.16 -2.52 6.60
C TRP D 32 -9.69 -2.63 8.04
N ALA D 33 -9.01 -3.74 8.36
CA ALA D 33 -8.38 -3.87 9.66
C ALA D 33 -7.27 -2.82 9.77
N MET D 34 -6.47 -2.71 8.71
CA MET D 34 -5.39 -1.74 8.66
C MET D 34 -5.87 -0.28 8.69
N ILE D 35 -7.03 -0.01 8.10
CA ILE D 35 -7.65 1.31 8.17
C ILE D 35 -7.93 1.70 9.62
N ALA D 36 -8.53 0.79 10.36
CA ALA D 36 -8.88 1.03 11.78
C ALA D 36 -7.63 1.18 12.65
N VAL D 37 -6.68 0.31 12.38
CA VAL D 37 -5.45 0.22 13.13
C VAL D 37 -4.61 1.48 12.97
N LYS D 38 -4.41 1.93 11.73
CA LYS D 38 -3.66 3.16 11.47
C LYS D 38 -4.29 4.37 12.14
N GLU D 39 -5.61 4.45 12.10
CA GLU D 39 -6.30 5.53 12.77
C GLU D 39 -6.17 5.38 14.28
N ALA D 40 -6.37 4.18 14.79
CA ALA D 40 -6.30 3.93 16.25
C ALA D 40 -4.91 4.11 16.85
N THR D 41 -3.86 3.83 16.07
CA THR D 41 -2.49 3.91 16.57
C THR D 41 -1.72 5.18 16.19
N GLY D 42 -2.26 6.02 15.29
CA GLY D 42 -1.64 7.30 14.92
C GLY D 42 -1.73 8.28 16.10
N PHE D 43 -1.13 9.47 15.94
CA PHE D 43 -0.90 10.45 17.04
C PHE D 43 -0.47 9.72 18.31
N GLY D 44 0.51 8.84 18.18
CA GLY D 44 0.91 7.96 19.28
C GLY D 44 2.36 7.54 19.22
N THR D 45 3.26 8.52 19.13
CA THR D 45 4.69 8.27 19.03
C THR D 45 5.34 8.31 20.39
N SER D 46 4.94 9.26 21.22
CA SER D 46 5.62 9.51 22.48
C SER D 46 4.66 10.19 23.44
N VAL D 47 4.73 9.85 24.72
CA VAL D 47 3.87 10.52 25.74
C VAL D 47 4.33 11.94 26.09
N ILE D 48 5.46 12.37 25.53
CA ILE D 48 5.94 13.74 25.68
C ILE D 48 4.82 14.72 25.28
N MET D 49 4.40 14.68 24.01
CA MET D 49 3.31 15.55 23.49
C MET D 49 2.24 14.81 22.67
N CYS D 50 2.23 13.48 22.72
CA CYS D 50 1.07 12.69 22.28
C CYS D 50 0.31 12.14 23.49
N PRO D 51 -0.98 11.80 23.30
CA PRO D 51 -1.76 11.20 24.38
C PRO D 51 -1.44 9.74 24.70
N ALA D 52 -0.69 9.05 23.83
CA ALA D 52 -0.25 7.68 24.12
C ALA D 52 0.91 7.27 23.24
N GLU D 53 1.43 6.07 23.48
CA GLU D 53 2.40 5.44 22.58
C GLU D 53 1.76 4.16 22.07
N ALA D 54 1.58 4.07 20.76
CA ALA D 54 0.74 3.04 20.19
C ALA D 54 1.36 2.57 18.90
N GLY D 55 1.05 1.35 18.51
CA GLY D 55 1.63 0.85 17.27
C GLY D 55 1.17 -0.54 16.97
N ILE D 56 1.44 -1.00 15.76
CA ILE D 56 1.04 -2.30 15.36
C ILE D 56 2.02 -3.29 15.94
N ASP D 57 1.48 -4.35 16.54
CA ASP D 57 2.29 -5.48 16.90
C ASP D 57 2.35 -6.50 15.73
N GLY D 59 0.92 -7.68 12.18
CA GLY D 59 0.17 -7.15 11.05
C GLY D 59 -0.72 -8.10 10.28
N TYR D 60 -0.47 -9.39 10.40
N TYR D 60 -0.41 -9.39 10.32
CA TYR D 60 -1.36 -10.40 9.81
CA TYR D 60 -1.28 -10.45 9.74
C TYR D 60 -1.64 -11.53 10.83
C TYR D 60 -1.62 -11.47 10.86
N VAL D 61 -2.83 -11.44 11.39
CA VAL D 61 -3.35 -12.52 12.22
C VAL D 61 -4.30 -13.29 11.34
N PRO D 62 -4.04 -14.60 11.16
CA PRO D 62 -4.87 -15.29 10.16
C PRO D 62 -6.33 -15.45 10.60
N PRO D 63 -7.28 -15.37 9.65
CA PRO D 63 -8.70 -15.58 9.92
C PRO D 63 -9.00 -16.76 10.84
N GLU D 64 -8.39 -17.91 10.57
N GLU D 64 -8.40 -17.91 10.59
CA GLU D 64 -8.56 -19.11 11.41
CA GLU D 64 -8.66 -19.10 11.41
C GLU D 64 -8.28 -18.84 12.89
C GLU D 64 -8.01 -19.05 12.81
N GLU D 65 -7.36 -17.93 13.18
CA GLU D 65 -6.87 -17.72 14.56
C GLU D 65 -7.58 -16.62 15.34
N THR D 66 -8.60 -15.99 14.75
CA THR D 66 -9.37 -14.92 15.41
C THR D 66 -10.69 -15.48 15.90
N PRO D 67 -11.34 -14.80 16.88
CA PRO D 67 -12.59 -15.30 17.45
C PRO D 67 -13.75 -15.35 16.46
N ASP D 68 -13.84 -14.34 15.59
CA ASP D 68 -14.91 -14.28 14.61
C ASP D 68 -14.50 -14.86 13.25
N GLY D 69 -13.32 -15.45 13.18
CA GLY D 69 -12.87 -16.10 11.95
C GLY D 69 -12.58 -15.14 10.81
N ARG D 70 -12.32 -13.88 11.15
CA ARG D 70 -12.01 -12.82 10.17
C ARG D 70 -10.55 -12.39 10.26
N PRO D 71 -10.00 -11.78 9.19
CA PRO D 71 -8.68 -11.15 9.17
C PRO D 71 -8.42 -10.22 10.32
N GLY D 72 -7.28 -10.39 10.97
CA GLY D 72 -6.93 -9.60 12.15
C GLY D 72 -5.56 -8.94 12.09
N VAL D 73 -5.31 -8.02 13.03
CA VAL D 73 -4.04 -7.33 13.15
C VAL D 73 -4.05 -7.05 14.68
N THR D 74 -2.96 -7.15 15.41
CA THR D 74 -2.92 -6.72 16.84
C THR D 74 -2.17 -5.41 16.95
N ILE D 75 -2.58 -4.59 17.90
CA ILE D 75 -1.93 -3.35 18.15
C ILE D 75 -1.68 -3.25 19.66
N MET D 76 -0.76 -2.39 20.05
CA MET D 76 -0.47 -2.18 21.45
C MET D 76 -0.55 -0.70 21.69
N ILE D 77 -1.03 -0.34 22.87
CA ILE D 77 -1.15 1.05 23.26
C ILE D 77 -0.58 1.10 24.68
N GLY D 78 0.23 2.13 24.94
CA GLY D 78 0.91 2.27 26.20
C GLY D 78 0.91 3.70 26.71
N HIS D 79 1.04 3.82 28.03
CA HIS D 79 1.23 5.09 28.71
C HIS D 79 1.94 4.78 30.01
N ASN D 80 2.71 5.72 30.52
CA ASN D 80 3.37 5.55 31.83
C ASN D 80 2.35 5.55 32.98
N ASP D 81 1.18 6.13 32.75
CA ASP D 81 0.13 6.29 33.74
C ASP D 81 -1.05 5.40 33.36
N GLU D 82 -1.48 4.54 34.29
CA GLU D 82 -2.52 3.55 33.99
C GLU D 82 -3.88 4.17 33.74
N ASP D 83 -4.24 5.16 34.54
CA ASP D 83 -5.50 5.88 34.34
C ASP D 83 -5.59 6.50 32.94
N GLU D 84 -4.55 7.21 32.51
CA GLU D 84 -4.48 7.76 31.15
C GLU D 84 -4.54 6.66 30.10
N LEU D 85 -3.99 5.49 30.41
CA LEU D 85 -4.01 4.38 29.46
C LEU D 85 -5.41 3.85 29.21
N LYS D 86 -6.18 3.70 30.26
CA LYS D 86 -7.56 3.23 30.15
C LYS D 86 -8.41 4.22 29.34
N GLU D 87 -8.15 5.51 29.54
CA GLU D 87 -8.82 6.56 28.80
C GLU D 87 -8.44 6.53 27.31
N GLN D 88 -7.21 6.15 27.01
CA GLN D 88 -6.72 6.08 25.64
C GLN D 88 -7.23 4.85 24.91
N LEU D 89 -7.39 3.76 25.64
CA LEU D 89 -8.09 2.58 25.15
C LEU D 89 -9.52 2.92 24.72
N LEU D 90 -10.27 3.52 25.62
CA LEU D 90 -11.65 3.90 25.36
C LEU D 90 -11.77 4.89 24.22
N ASP D 91 -10.87 5.88 24.19
CA ASP D 91 -10.88 6.92 23.16
C ASP D 91 -10.54 6.36 21.79
N ARG D 92 -9.51 5.54 21.73
CA ARG D 92 -9.02 5.03 20.44
C ARG D 92 -9.87 3.87 19.91
N ILE D 93 -10.37 3.03 20.78
CA ILE D 93 -11.27 1.98 20.36
C ILE D 93 -12.60 2.64 19.99
N GLY D 94 -13.10 3.48 20.90
CA GLY D 94 -14.39 4.15 20.72
C GLY D 94 -14.51 5.07 19.52
N GLN D 95 -13.46 5.85 19.24
CA GLN D 95 -13.49 6.82 18.14
C GLN D 95 -12.88 6.33 16.86
N CYS D 96 -12.03 5.30 16.93
CA CYS D 96 -11.26 4.85 15.74
C CYS D 96 -11.54 3.44 15.29
N VAL D 97 -11.95 2.58 16.21
CA VAL D 97 -12.24 1.21 15.85
C VAL D 97 -13.73 1.05 15.75
N MET D 98 -14.47 1.62 16.70
CA MET D 98 -15.94 1.52 16.63
C MET D 98 -16.49 2.12 15.33
N THR D 99 -15.90 3.28 14.94
CA THR D 99 -16.37 4.08 13.83
C THR D 99 -15.90 3.50 12.48
N ALA D 100 -14.93 2.60 12.50
CA ALA D 100 -14.32 2.07 11.26
C ALA D 100 -15.07 0.90 10.62
N PRO D 101 -15.28 0.95 9.29
CA PRO D 101 -16.06 -0.12 8.69
C PRO D 101 -15.60 -1.54 9.06
N THR D 102 -16.59 -2.37 9.40
CA THR D 102 -16.44 -3.78 9.70
C THR D 102 -15.56 -4.20 10.86
N ALA D 103 -14.87 -3.27 11.51
CA ALA D 103 -13.91 -3.61 12.54
C ALA D 103 -14.52 -4.01 13.88
N SER D 104 -13.99 -5.07 14.48
CA SER D 104 -14.31 -5.42 15.88
C SER D 104 -13.02 -5.30 16.71
N ALA D 105 -13.16 -5.15 18.02
CA ALA D 105 -12.03 -5.07 18.92
C ALA D 105 -12.10 -6.20 19.96
N PHE D 106 -11.12 -7.09 19.96
CA PHE D 106 -11.00 -8.10 21.01
C PHE D 106 -9.70 -7.95 21.79
N ASP D 107 -9.70 -8.42 23.02
CA ASP D 107 -8.51 -8.39 23.85
C ASP D 107 -7.42 -9.32 23.30
N ALA D 108 -6.19 -8.87 23.35
CA ALA D 108 -5.09 -9.71 22.93
C ALA D 108 -3.92 -9.67 23.90
N MET D 109 -4.18 -9.28 25.15
CA MET D 109 -3.18 -9.37 26.20
C MET D 109 -3.00 -10.83 26.65
N PRO D 110 -1.79 -11.40 26.51
CA PRO D 110 -1.58 -12.78 26.95
C PRO D 110 -1.89 -12.99 28.44
N GLU D 111 -2.44 -14.16 28.77
CA GLU D 111 -2.85 -14.49 30.14
C GLU D 111 -1.69 -14.36 31.11
N ALA D 112 -0.51 -14.76 30.65
CA ALA D 112 0.70 -14.66 31.47
C ALA D 112 1.04 -13.22 31.85
N GLU D 113 0.67 -12.27 30.99
CA GLU D 113 1.08 -10.87 31.18
C GLU D 113 0.05 -10.05 31.95
N LYS D 114 -1.17 -10.56 32.05
CA LYS D 114 -2.27 -9.79 32.64
C LYS D 114 -2.04 -9.50 34.12
N GLU D 115 -2.18 -8.23 34.48
CA GLU D 115 -2.18 -7.80 35.88
C GLU D 115 -3.52 -7.18 36.25
N ASP D 116 -4.04 -6.30 35.39
CA ASP D 116 -5.27 -5.60 35.66
C ASP D 116 -6.24 -5.75 34.49
N GLU D 117 -7.49 -5.36 34.72
N GLU D 117 -7.47 -5.29 34.71
CA GLU D 117 -8.51 -5.41 33.67
CA GLU D 117 -8.52 -5.37 33.72
C GLU D 117 -9.15 -4.04 33.49
C GLU D 117 -9.11 -3.98 33.49
N ASP D 118 -9.52 -3.73 32.26
CA ASP D 118 -10.21 -2.48 31.90
C ASP D 118 -11.42 -2.88 31.07
N ARG D 119 -12.61 -2.56 31.58
CA ARG D 119 -13.84 -2.98 30.93
C ARG D 119 -14.22 -1.99 29.84
N VAL D 120 -13.40 -1.95 28.79
CA VAL D 120 -13.58 -0.99 27.70
C VAL D 120 -14.88 -1.30 26.96
N GLY D 121 -15.12 -2.57 26.66
CA GLY D 121 -16.34 -2.97 25.97
C GLY D 121 -17.57 -2.55 26.75
N TYR D 122 -17.57 -2.79 28.05
CA TYR D 122 -18.70 -2.44 28.88
C TYR D 122 -18.94 -0.95 28.83
N LYS D 123 -17.85 -0.20 28.96
CA LYS D 123 -17.91 1.25 28.92
C LYS D 123 -18.32 1.79 27.54
N LEU D 124 -17.94 1.09 26.47
CA LEU D 124 -18.38 1.46 25.13
C LEU D 124 -19.82 1.12 24.89
N SER D 125 -20.31 0.04 25.50
CA SER D 125 -21.66 -0.49 25.22
C SER D 125 -22.78 0.52 25.48
N PHE D 126 -22.58 1.45 26.41
CA PHE D 126 -23.58 2.49 26.71
C PHE D 126 -23.90 3.41 25.51
N PHE D 127 -23.02 3.42 24.52
CA PHE D 127 -23.30 4.02 23.21
C PHE D 127 -24.57 3.44 22.54
N GLY D 128 -24.88 2.16 22.81
CA GLY D 128 -26.06 1.47 22.26
C GLY D 128 -27.41 1.98 22.75
N ASP D 129 -27.39 2.80 23.80
CA ASP D 129 -28.58 3.51 24.32
C ASP D 129 -29.74 2.58 24.71
N GLY D 130 -29.41 1.47 25.37
CA GLY D 130 -30.40 0.48 25.80
C GLY D 130 -30.45 -0.72 24.90
N TYR D 131 -30.09 -0.56 23.62
CA TYR D 131 -30.16 -1.68 22.67
C TYR D 131 -28.92 -2.60 22.65
N GLN D 132 -27.90 -2.29 23.44
CA GLN D 132 -26.71 -3.14 23.50
C GLN D 132 -27.02 -4.46 24.16
N GLU D 133 -26.25 -5.47 23.81
CA GLU D 133 -26.52 -6.82 24.21
C GLU D 133 -25.21 -7.53 24.51
N GLU D 134 -25.12 -8.10 25.72
CA GLU D 134 -23.98 -8.94 26.09
C GLU D 134 -24.17 -10.28 25.39
N ASP D 135 -23.06 -10.94 25.02
CA ASP D 135 -23.12 -12.22 24.32
C ASP D 135 -21.77 -12.94 24.48
N GLU D 136 -21.72 -14.23 24.16
CA GLU D 136 -20.47 -14.98 24.16
C GLU D 136 -20.05 -15.20 22.71
N LEU D 137 -18.81 -14.85 22.39
CA LEU D 137 -18.23 -15.20 21.11
C LEU D 137 -16.94 -15.92 21.39
N ASP D 138 -16.92 -17.16 20.98
CA ASP D 138 -15.76 -18.01 21.14
C ASP D 138 -15.23 -18.06 22.57
N GLY D 139 -16.10 -18.22 23.53
CA GLY D 139 -15.69 -18.27 24.94
C GLY D 139 -15.30 -16.91 25.49
N ARG D 140 -15.48 -15.86 24.70
CA ARG D 140 -15.22 -14.50 25.14
C ARG D 140 -16.51 -13.75 25.39
N LYS D 141 -16.52 -12.95 26.44
CA LYS D 141 -17.63 -12.07 26.76
C LYS D 141 -17.50 -10.78 25.94
N VAL D 142 -18.42 -10.61 25.00
CA VAL D 142 -18.45 -9.42 24.15
C VAL D 142 -19.76 -8.63 24.32
N TRP D 143 -19.72 -7.37 23.87
CA TRP D 143 -20.90 -6.53 23.73
C TRP D 143 -21.21 -6.27 22.26
N LYS D 144 -22.45 -6.58 21.87
CA LYS D 144 -22.95 -6.31 20.52
C LYS D 144 -23.67 -4.97 20.55
N ILE D 145 -23.00 -3.93 20.06
CA ILE D 145 -23.50 -2.56 20.10
C ILE D 145 -24.12 -2.19 18.77
N PRO D 146 -25.43 -1.84 18.77
CA PRO D 146 -26.04 -1.52 17.48
C PRO D 146 -25.51 -0.20 16.95
N VAL D 147 -25.12 -0.23 15.68
CA VAL D 147 -24.56 0.93 15.02
C VAL D 147 -25.22 0.99 13.68
N VAL D 148 -25.09 2.12 12.99
CA VAL D 148 -25.80 2.30 11.72
C VAL D 148 -25.33 1.31 10.65
N GLU D 149 -24.11 0.82 10.78
CA GLU D 149 -23.60 -0.21 9.85
C GLU D 149 -24.22 -1.58 10.10
N GLY D 150 -24.60 -1.81 11.35
CA GLY D 150 -25.00 -3.15 11.79
C GLY D 150 -24.69 -3.28 13.26
N GLU D 151 -23.59 -3.96 13.59
CA GLU D 151 -23.18 -4.07 14.99
C GLU D 151 -21.70 -3.78 15.14
N PHE D 152 -21.34 -3.24 16.30
CA PHE D 152 -19.94 -3.18 16.74
C PHE D 152 -19.71 -4.21 17.82
N ILE D 153 -18.84 -5.18 17.53
CA ILE D 153 -18.48 -6.20 18.51
C ILE D 153 -17.19 -5.81 19.24
N VAL D 154 -17.27 -5.75 20.58
CA VAL D 154 -16.13 -5.39 21.37
C VAL D 154 -16.13 -6.24 22.63
N GLU D 155 -14.95 -6.75 23.02
CA GLU D 155 -14.83 -7.64 24.15
C GLU D 155 -15.10 -6.81 25.40
N ASP D 156 -15.75 -7.42 26.39
CA ASP D 156 -16.07 -6.69 27.65
C ASP D 156 -14.85 -6.04 28.33
N SER D 157 -13.81 -6.83 28.57
CA SER D 157 -12.61 -6.34 29.24
C SER D 157 -11.35 -6.60 28.46
N PHE D 158 -10.39 -5.70 28.67
CA PHE D 158 -9.07 -5.76 28.09
C PHE D 158 -8.03 -5.85 29.20
N GLY D 159 -7.07 -6.75 29.02
CA GLY D 159 -6.01 -6.96 29.98
C GLY D 159 -4.94 -5.91 29.83
N ILE D 160 -4.50 -5.37 30.98
CA ILE D 160 -3.40 -4.43 31.06
C ILE D 160 -2.23 -5.14 31.75
N THR D 161 -1.03 -4.77 31.36
CA THR D 161 0.18 -5.31 31.97
C THR D 161 1.10 -4.15 32.28
N THR D 162 2.15 -4.41 33.05
CA THR D 162 3.26 -3.49 33.16
C THR D 162 4.27 -4.08 32.19
N GLY D 163 4.50 -3.37 31.08
CA GLY D 163 5.45 -3.78 30.06
C GLY D 163 6.68 -2.94 30.10
N VAL D 164 7.37 -2.85 28.98
CA VAL D 164 8.63 -2.11 28.88
C VAL D 164 8.52 -1.06 27.78
N ALA D 165 8.79 0.21 28.15
CA ALA D 165 8.88 1.29 27.19
C ALA D 165 10.31 1.83 27.13
N GLY D 166 10.77 2.14 25.93
CA GLY D 166 12.02 2.87 25.77
C GLY D 166 13.24 2.08 25.35
N GLY D 167 13.08 0.80 25.06
CA GLY D 167 14.16 0.06 24.43
C GLY D 167 14.57 0.88 23.21
N ASN D 168 15.85 0.87 22.90
CA ASN D 168 16.29 1.63 21.76
C ASN D 168 17.66 1.23 21.25
N PHE D 169 17.94 1.70 20.04
CA PHE D 169 19.29 1.76 19.56
C PHE D 169 19.38 2.84 18.49
N TYR D 170 20.59 3.34 18.27
CA TYR D 170 20.85 4.36 17.30
C TYR D 170 21.58 3.73 16.16
N ILE D 171 21.27 4.16 14.94
CA ILE D 171 21.98 3.74 13.74
C ILE D 171 22.75 4.96 13.25
N MET D 172 24.07 4.83 13.14
CA MET D 172 24.94 5.93 12.74
C MET D 172 25.50 5.57 11.37
N ALA D 173 25.20 6.37 10.35
CA ALA D 173 25.53 5.98 8.98
C ALA D 173 26.26 7.05 8.21
N GLU D 174 26.83 6.67 7.08
CA GLU D 174 27.61 7.57 6.24
C GLU D 174 26.78 8.69 5.59
N SER D 175 25.46 8.48 5.50
CA SER D 175 24.55 9.43 4.85
C SER D 175 23.13 9.24 5.36
N GLN D 176 22.24 10.20 5.08
CA GLN D 176 20.82 10.07 5.46
C GLN D 176 20.18 8.93 4.70
N PRO D 177 20.34 8.89 3.38
CA PRO D 177 19.83 7.72 2.67
C PRO D 177 20.29 6.37 3.26
N ALA D 178 21.56 6.22 3.57
CA ALA D 178 22.06 4.94 4.10
C ALA D 178 21.49 4.70 5.48
N GLY D 179 21.35 5.75 6.26
CA GLY D 179 20.79 5.59 7.58
C GLY D 179 19.36 5.09 7.53
N LEU D 180 18.58 5.65 6.63
CA LEU D 180 17.17 5.32 6.55
C LEU D 180 16.94 3.96 5.89
N GLN D 181 17.75 3.60 4.90
CA GLN D 181 17.67 2.24 4.35
C GLN D 181 17.93 1.16 5.40
N ALA D 182 18.97 1.35 6.21
CA ALA D 182 19.26 0.46 7.35
C ALA D 182 18.13 0.45 8.37
N ALA D 183 17.62 1.62 8.70
CA ALA D 183 16.59 1.75 9.71
C ALA D 183 15.31 1.04 9.29
N GLU D 184 14.93 1.14 8.01
CA GLU D 184 13.69 0.48 7.56
C GLU D 184 13.80 -1.06 7.61
N ALA D 185 14.94 -1.59 7.17
CA ALA D 185 15.26 -3.01 7.35
C ALA D 185 15.13 -3.42 8.81
N ALA D 186 15.72 -2.60 9.68
CA ALA D 186 15.57 -2.86 11.11
C ALA D 186 14.10 -3.05 11.39
N VAL D 187 13.26 -2.11 10.98
CA VAL D 187 11.84 -2.12 11.36
C VAL D 187 11.09 -3.32 10.78
N ASP D 188 11.39 -3.70 9.54
CA ASP D 188 10.81 -4.90 8.98
C ASP D 188 11.11 -6.12 9.89
N ALA D 189 12.32 -6.19 10.42
CA ALA D 189 12.71 -7.25 11.33
C ALA D 189 11.90 -7.14 12.62
N ILE D 190 11.84 -5.96 13.18
CA ILE D 190 11.09 -5.73 14.42
C ILE D 190 9.59 -6.06 14.25
N LYS D 191 9.04 -5.77 13.07
CA LYS D 191 7.66 -6.09 12.74
C LYS D 191 7.33 -7.53 13.16
N GLY D 192 8.25 -8.44 12.82
CA GLY D 192 8.09 -9.89 13.08
C GLY D 192 8.28 -10.37 14.50
N VAL D 193 8.63 -9.48 15.42
CA VAL D 193 8.75 -9.85 16.82
C VAL D 193 7.43 -9.64 17.52
N GLU D 194 6.80 -10.71 17.98
CA GLU D 194 5.50 -10.63 18.67
C GLU D 194 5.66 -9.99 20.05
N GLY D 195 4.78 -9.05 20.35
CA GLY D 195 4.75 -8.38 21.66
C GLY D 195 5.65 -7.17 21.76
N ALA D 196 6.21 -6.76 20.63
CA ALA D 196 7.01 -5.54 20.55
C ALA D 196 6.50 -4.67 19.41
N TYR D 197 6.48 -3.36 19.67
CA TYR D 197 6.17 -2.37 18.64
C TYR D 197 7.10 -1.15 18.69
N ALA D 198 7.25 -0.48 17.54
CA ALA D 198 8.03 0.76 17.43
C ALA D 198 7.07 1.90 17.19
N PRO D 199 6.80 2.74 18.21
CA PRO D 199 5.72 3.69 18.04
C PRO D 199 5.95 4.90 17.11
N PHE D 200 7.19 5.26 16.79
CA PHE D 200 7.45 6.43 15.95
C PHE D 200 7.09 6.22 14.47
N PRO D 201 7.04 7.31 13.67
CA PRO D 201 6.61 7.20 12.28
C PRO D 201 7.48 6.25 11.50
N GLY D 202 6.88 5.16 11.04
CA GLY D 202 7.63 4.12 10.31
C GLY D 202 8.53 3.35 11.25
N GLY D 203 8.36 3.56 12.56
CA GLY D 203 9.15 2.91 13.56
C GLY D 203 10.36 3.70 14.02
N ILE D 204 10.60 4.84 13.35
CA ILE D 204 11.88 5.54 13.35
C ILE D 204 11.78 6.98 13.84
N VAL D 205 12.78 7.37 14.61
CA VAL D 205 12.90 8.69 15.20
C VAL D 205 13.97 9.44 14.40
N ALA D 206 13.55 10.40 13.61
CA ALA D 206 14.48 11.27 12.88
C ALA D 206 15.05 12.38 13.75
N SER D 207 14.51 12.52 14.96
CA SER D 207 14.84 13.63 15.84
C SER D 207 14.89 13.25 17.31
N ALA D 208 15.78 12.32 17.66
CA ALA D 208 15.99 11.94 19.06
C ALA D 208 16.32 13.22 19.86
N SER D 209 15.98 13.23 21.16
CA SER D 209 16.18 14.40 21.98
C SER D 209 17.11 14.05 23.13
N LYS D 210 17.60 15.08 23.82
CA LYS D 210 18.36 14.95 25.06
C LYS D 210 17.54 15.57 26.16
N VAL D 211 17.80 15.20 27.41
CA VAL D 211 17.07 15.82 28.53
C VAL D 211 17.55 17.23 28.74
N GLY D 212 16.59 18.13 28.98
CA GLY D 212 16.89 19.53 29.17
C GLY D 212 17.51 20.20 27.95
N SER D 213 18.13 21.34 28.23
CA SER D 213 18.57 22.23 27.18
C SER D 213 19.74 23.04 27.72
N LYS D 214 20.72 23.30 26.86
CA LYS D 214 21.91 24.05 27.22
C LYS D 214 21.70 25.56 27.17
N GLN D 215 20.81 26.04 26.30
CA GLN D 215 20.51 27.46 26.19
C GLN D 215 19.20 27.89 26.85
N TYR D 216 18.18 27.02 26.84
CA TYR D 216 16.85 27.41 27.33
C TYR D 216 16.54 26.74 28.64
N ASP D 217 16.55 27.52 29.71
CA ASP D 217 16.15 27.02 31.04
C ASP D 217 14.73 26.45 31.09
N PHE D 218 13.85 26.94 30.23
CA PHE D 218 12.43 26.57 30.27
C PHE D 218 12.08 25.27 29.53
N LEU D 219 13.01 24.72 28.76
CA LEU D 219 12.74 23.49 27.97
C LEU D 219 13.12 22.22 28.73
N PRO D 220 12.17 21.25 28.83
CA PRO D 220 12.46 19.95 29.46
C PRO D 220 13.34 19.04 28.58
N ALA D 221 13.32 19.27 27.27
CA ALA D 221 13.99 18.38 26.32
C ALA D 221 14.28 19.13 25.03
N SER D 222 15.35 18.75 24.36
CA SER D 222 15.76 19.44 23.14
C SER D 222 16.54 18.49 22.25
N THR D 223 16.89 18.97 21.06
CA THR D 223 17.59 18.13 20.14
C THR D 223 18.87 17.55 20.79
N ASN D 224 19.08 16.27 20.55
CA ASN D 224 20.30 15.60 21.00
C ASN D 224 21.45 16.13 20.13
N ASP D 225 21.99 17.27 20.56
CA ASP D 225 23.01 17.96 19.78
C ASP D 225 24.28 17.13 19.75
N ALA D 226 24.46 16.27 20.75
CA ALA D 226 25.60 15.37 20.77
C ALA D 226 25.61 14.44 19.55
N TYR D 227 24.43 14.03 19.08
CA TYR D 227 24.31 13.22 17.83
C TYR D 227 23.74 13.98 16.61
N CYS D 228 23.75 15.30 16.65
CA CYS D 228 23.35 16.12 15.50
C CYS D 228 24.50 16.36 14.52
N PRO D 229 24.41 15.84 13.29
CA PRO D 229 25.55 16.01 12.38
C PRO D 229 25.87 17.44 11.96
N THR D 230 24.90 18.34 12.00
CA THR D 230 25.10 19.74 11.61
C THR D 230 25.53 20.65 12.75
N VAL D 231 25.63 20.10 13.95
CA VAL D 231 26.24 20.85 15.02
C VAL D 231 27.76 20.59 14.96
N GLU D 232 28.54 21.67 14.87
CA GLU D 232 30.00 21.59 14.80
C GLU D 232 30.62 20.87 16.01
N ASP D 233 30.02 21.07 17.19
CA ASP D 233 30.51 20.47 18.46
C ASP D 233 29.77 19.18 18.87
N ASN D 234 29.63 18.23 17.95
CA ASN D 234 28.93 16.97 18.24
C ASN D 234 29.89 15.86 18.70
N GLU D 235 29.34 14.79 19.28
CA GLU D 235 30.10 13.63 19.75
C GLU D 235 29.99 12.46 18.75
N LEU D 236 29.94 12.77 17.45
CA LEU D 236 29.75 11.75 16.43
C LEU D 236 31.07 11.42 15.77
N PRO D 237 31.27 10.14 15.42
CA PRO D 237 32.44 9.81 14.62
C PRO D 237 32.52 10.72 13.41
N GLU D 238 33.72 11.01 12.96
CA GLU D 238 33.89 11.58 11.64
C GLU D 238 33.36 10.50 10.74
N GLY D 239 32.74 10.89 9.63
CA GLY D 239 32.21 9.91 8.71
C GLY D 239 30.78 9.48 9.01
N VAL D 240 30.26 9.88 10.18
CA VAL D 240 28.81 9.77 10.47
C VAL D 240 28.12 11.10 10.08
N LYS D 241 27.32 11.05 9.02
CA LYS D 241 26.54 12.18 8.53
C LYS D 241 25.03 12.09 8.87
N CYS D 242 24.60 10.96 9.46
CA CYS D 242 23.20 10.74 9.87
C CYS D 242 23.05 9.78 11.05
N VAL D 243 22.16 10.10 11.97
CA VAL D 243 21.80 9.20 13.05
C VAL D 243 20.30 9.05 13.10
N TYR D 244 19.83 7.81 13.27
CA TYR D 244 18.43 7.53 13.48
C TYR D 244 18.32 6.75 14.76
N GLU D 245 17.26 6.95 15.52
CA GLU D 245 16.96 6.11 16.66
C GLU D 245 15.74 5.25 16.36
N ILE D 246 15.80 3.98 16.75
CA ILE D 246 14.64 3.11 16.73
C ILE D 246 14.25 2.96 18.18
N VAL D 247 13.01 3.27 18.51
CA VAL D 247 12.48 3.07 19.86
C VAL D 247 11.46 1.94 19.93
N ILE D 248 11.63 1.06 20.91
CA ILE D 248 10.83 -0.14 21.01
C ILE D 248 10.12 -0.22 22.37
N ASN D 249 8.83 -0.48 22.33
CA ASN D 249 8.06 -0.82 23.52
C ASN D 249 7.58 -2.25 23.40
N GLY D 250 7.37 -2.93 24.52
CA GLY D 250 6.92 -4.31 24.45
C GLY D 250 6.23 -4.81 25.69
N LEU D 251 5.64 -5.98 25.59
CA LEU D 251 4.93 -6.57 26.73
C LEU D 251 5.88 -6.96 27.84
N ASN D 252 7.08 -7.40 27.47
CA ASN D 252 8.08 -7.78 28.48
C ASN D 252 9.44 -7.31 28.05
N GLU D 253 10.45 -7.58 28.85
CA GLU D 253 11.81 -7.16 28.54
C GLU D 253 12.34 -7.99 27.39
N GLU D 254 11.99 -9.27 27.35
CA GLU D 254 12.48 -10.17 26.29
C GLU D 254 12.04 -9.81 24.89
N ALA D 255 10.82 -9.28 24.78
CA ALA D 255 10.30 -8.87 23.48
C ALA D 255 11.06 -7.66 22.99
N VAL D 256 11.37 -6.74 23.90
CA VAL D 256 12.14 -5.55 23.58
C VAL D 256 13.59 -5.87 23.23
N LYS D 257 14.20 -6.76 24.01
CA LYS D 257 15.53 -7.25 23.76
C LYS D 257 15.56 -7.96 22.41
N GLU D 258 14.57 -8.80 22.16
CA GLU D 258 14.53 -9.53 20.88
C GLU D 258 14.40 -8.59 19.67
N ALA D 259 13.58 -7.55 19.82
CA ALA D 259 13.37 -6.52 18.79
C ALA D 259 14.67 -5.73 18.48
N MET D 260 15.36 -5.30 19.53
CA MET D 260 16.67 -4.66 19.39
C MET D 260 17.63 -5.59 18.69
N ARG D 261 17.62 -6.86 19.07
CA ARG D 261 18.55 -7.82 18.51
C ARG D 261 18.33 -7.98 17.00
N VAL D 262 17.14 -8.37 16.63
CA VAL D 262 16.86 -8.62 15.23
C VAL D 262 16.91 -7.31 14.41
N GLY D 263 16.53 -6.21 15.05
CA GLY D 263 16.60 -4.89 14.41
C GLY D 263 18.00 -4.43 14.11
N ILE D 264 18.89 -4.58 15.07
CA ILE D 264 20.31 -4.27 14.88
C ILE D 264 20.90 -5.17 13.78
N GLU D 265 20.68 -6.47 13.88
CA GLU D 265 21.21 -7.42 12.90
C GLU D 265 20.81 -7.03 11.47
N ALA D 266 19.52 -6.73 11.28
CA ALA D 266 18.98 -6.30 9.99
C ALA D 266 19.61 -5.01 9.48
N ALA D 267 19.74 -4.02 10.37
CA ALA D 267 20.39 -2.74 10.00
C ALA D 267 21.81 -2.92 9.47
N CYS D 268 22.59 -3.73 10.17
CA CYS D 268 24.00 -3.94 9.84
C CYS D 268 24.24 -4.66 8.51
N GLN D 269 23.20 -5.15 7.86
CA GLN D 269 23.37 -5.75 6.53
C GLN D 269 23.23 -4.72 5.44
N GLN D 270 22.79 -3.52 5.81
CA GLN D 270 22.59 -2.47 4.82
C GLN D 270 23.85 -1.60 4.71
N PRO D 271 24.19 -1.16 3.49
CA PRO D 271 25.46 -0.49 3.23
C PRO D 271 25.51 0.92 3.75
N GLY D 272 26.67 1.33 4.27
CA GLY D 272 26.90 2.71 4.75
C GLY D 272 26.66 2.94 6.23
N VAL D 273 26.53 1.86 6.98
CA VAL D 273 26.32 1.96 8.41
C VAL D 273 27.68 1.89 9.07
N VAL D 274 27.93 2.80 10.01
CA VAL D 274 29.24 2.92 10.65
C VAL D 274 29.22 2.32 12.05
N LYS D 275 28.18 2.62 12.80
CA LYS D 275 28.15 2.28 14.21
C LYS D 275 26.72 2.10 14.70
N ILE D 276 26.55 1.21 15.67
CA ILE D 276 25.30 1.02 16.39
C ILE D 276 25.56 1.46 17.85
N SER D 277 24.71 2.33 18.36
CA SER D 277 24.78 2.74 19.76
C SER D 277 23.42 2.62 20.42
N ALA D 278 23.27 3.20 21.60
CA ALA D 278 22.00 3.14 22.30
C ALA D 278 21.98 4.26 23.31
N GLY D 279 20.80 4.63 23.78
CA GLY D 279 20.63 5.75 24.68
C GLY D 279 20.23 5.30 26.06
N ASN D 280 20.73 6.02 27.08
CA ASN D 280 20.42 5.73 28.46
C ASN D 280 20.52 7.00 29.29
N PHE D 281 20.30 6.86 30.60
CA PHE D 281 20.38 8.01 31.49
C PHE D 281 21.32 7.71 32.65
N GLY D 282 22.37 6.95 32.36
CA GLY D 282 23.39 6.60 33.34
C GLY D 282 23.08 5.36 34.17
N GLY D 283 22.02 4.65 33.81
CA GLY D 283 21.64 3.44 34.51
C GLY D 283 20.96 3.70 35.83
N LYS D 284 20.63 4.97 36.11
CA LYS D 284 20.09 5.38 37.42
C LYS D 284 18.57 5.40 37.47
N LEU D 285 17.94 5.97 36.43
CA LEU D 285 16.49 6.21 36.39
C LEU D 285 15.69 4.97 36.02
N GLY D 286 16.07 4.30 34.93
CA GLY D 286 15.30 3.18 34.38
C GLY D 286 15.29 1.92 35.22
N GLN D 287 14.36 1.04 34.91
CA GLN D 287 14.19 -0.21 35.61
C GLN D 287 14.90 -1.32 34.86
N TYR D 288 15.20 -1.07 33.59
CA TYR D 288 15.80 -2.08 32.72
C TYR D 288 16.99 -1.45 32.03
N GLU D 289 18.07 -2.22 31.90
CA GLU D 289 19.27 -1.77 31.22
C GLU D 289 19.70 -2.89 30.28
N ILE D 290 19.62 -2.63 28.99
CA ILE D 290 19.84 -3.65 28.00
C ILE D 290 21.16 -3.37 27.30
N HIS D 291 22.18 -4.15 27.62
CA HIS D 291 23.50 -3.94 27.10
C HIS D 291 23.57 -4.61 25.73
N LEU D 292 23.99 -3.83 24.74
CA LEU D 292 23.98 -4.29 23.38
C LEU D 292 24.82 -5.54 23.20
N HIS D 293 25.96 -5.60 23.88
CA HIS D 293 26.87 -6.75 23.73
C HIS D 293 26.26 -8.06 24.22
N ASP D 294 25.40 -7.97 25.24
CA ASP D 294 24.66 -9.13 25.74
C ASP D 294 23.61 -9.69 24.76
N LEU D 295 23.27 -8.93 23.70
CA LEU D 295 22.28 -9.39 22.72
C LEU D 295 22.90 -10.37 21.75
N PHE D 296 24.16 -10.15 21.40
CA PHE D 296 24.84 -10.97 20.38
C PHE D 296 26.01 -11.73 21.01
#